data_3GPL
#
_entry.id   3GPL
#
_cell.length_a   66.120
_cell.length_b   130.360
_cell.length_c   80.050
_cell.angle_alpha   90.00
_cell.angle_beta   107.34
_cell.angle_gamma   90.00
#
_symmetry.space_group_name_H-M   'P 1 21 1'
#
loop_
_entity.id
_entity.type
_entity.pdbx_description
1 polymer 'Exodeoxyribonuclease V, subunit RecD, putative'
2 polymer "5'-D(*T*TP*TP*TP*TP*TP*TP*T)-3'"
3 non-polymer 'MAGNESIUM ION'
4 non-polymer 'PHOSPHOAMINOPHOSPHONIC ACID-ADENYLATE ESTER'
5 water water
#
loop_
_entity_poly.entity_id
_entity_poly.type
_entity_poly.pdbx_seq_one_letter_code
_entity_poly.pdbx_strand_id
1 'polypeptide(L)'
;MSQQGLERRLLAGLQGLGLTINQAQRAVKHFGADALDRLEKDLFTLTEVEGIGFLTADKLWQARGGALDDPRRLTAAAVY
ALQLAGTQAGHSFLPRSRAEKGVVHYTRVTPGQARLAVETAVELGRLSEDDSPLFAAEAAATGEGRIYLPHVLRAEKKLA
SLIRTLLATPPADGAGNDDWAVPKKARKGLSEEQASVLDQLAGHRLVVLTGGPGTGKSTTTKAVADLAESLGLEVGLCAP
TGKAARRLGEVTGRTASTVHRLLGYGPQGFRHNHLEPAPYDLLIVDEVSMMGDALMLSLLAAVPPGARVLLVGDTDQLPP
VDAGLPLLALAQAAPTIKLTQVYRQAAKNPIIQAAHGLLHGEAPAWGDKRLNLTEIEPDGGARRVALMVRELGGPGAVQV
LTPMRKGPLGMDHLNYHLQALFNPGEGGVRIAEGEARPGDTVVQTKNDYNNEIFNGTLGMVLKAEGARLTVDFDGNVVEL
TGAELFNLQLGYALTVHRAQGSEWGTVLGVLHEAHMPMLSRNLVYTALTRARDRFFSAGSASAWQIAAARQREARNTALL
ERIRAHLEHHHHHH
;
A,B
2 'polydeoxyribonucleotide' (DT)(DT)(DT)(DT)(DT)(DT)(DT)(DT) X,Y
#
# COMPACT_ATOMS: atom_id res chain seq x y z
N ALA A 35 -18.82 -12.63 39.71
CA ALA A 35 -17.91 -12.27 38.59
C ALA A 35 -16.95 -13.40 38.21
N LEU A 36 -16.02 -13.75 39.11
CA LEU A 36 -15.05 -14.79 38.81
C LEU A 36 -15.64 -16.17 38.49
N ASP A 37 -16.97 -16.24 38.39
CA ASP A 37 -17.63 -17.49 38.02
C ASP A 37 -17.32 -17.55 36.53
N ARG A 38 -17.36 -16.37 35.91
CA ARG A 38 -17.09 -16.18 34.50
C ARG A 38 -15.61 -16.47 34.25
N LEU A 39 -14.78 -16.06 35.20
CA LEU A 39 -13.34 -16.23 35.13
C LEU A 39 -12.82 -17.64 35.41
N GLU A 40 -13.58 -18.43 36.16
CA GLU A 40 -13.15 -19.79 36.44
C GLU A 40 -13.53 -20.68 35.27
N LYS A 41 -14.60 -20.30 34.58
CA LYS A 41 -15.06 -21.05 33.42
C LYS A 41 -14.12 -20.73 32.26
N ASP A 42 -13.77 -19.46 32.11
CA ASP A 42 -12.86 -19.02 31.04
C ASP A 42 -11.95 -17.91 31.55
N LEU A 43 -10.66 -18.15 31.58
CA LEU A 43 -9.72 -17.14 32.05
C LEU A 43 -9.56 -16.02 31.04
N PHE A 44 -9.57 -16.38 29.77
CA PHE A 44 -9.42 -15.39 28.70
C PHE A 44 -10.68 -14.56 28.53
N THR A 45 -11.24 -14.11 29.65
CA THR A 45 -12.45 -13.28 29.64
C THR A 45 -12.01 -11.82 29.69
N LEU A 46 -10.72 -11.62 29.94
CA LEU A 46 -10.14 -10.29 30.03
C LEU A 46 -9.60 -9.84 28.66
N THR A 47 -9.53 -10.76 27.72
CA THR A 47 -9.02 -10.48 26.37
C THR A 47 -9.64 -9.21 25.80
N GLU A 48 -10.87 -8.91 26.22
CA GLU A 48 -11.57 -7.71 25.75
C GLU A 48 -12.16 -6.99 26.95
N VAL A 49 -11.38 -6.92 28.02
CA VAL A 49 -11.80 -6.25 29.25
C VAL A 49 -10.91 -5.05 29.52
N GLU A 50 -11.46 -4.04 30.17
CA GLU A 50 -10.75 -2.81 30.51
C GLU A 50 -9.33 -3.09 31.02
N GLY A 51 -8.40 -2.19 30.69
CA GLY A 51 -7.02 -2.34 31.13
C GLY A 51 -6.23 -3.46 30.51
N ILE A 52 -6.31 -4.65 31.11
CA ILE A 52 -5.57 -5.81 30.62
C ILE A 52 -6.13 -6.34 29.31
N GLY A 53 -5.27 -6.99 28.52
CA GLY A 53 -5.69 -7.54 27.26
C GLY A 53 -5.29 -8.99 27.10
N PHE A 54 -5.51 -9.53 25.91
CA PHE A 54 -5.18 -10.92 25.61
C PHE A 54 -3.76 -11.31 26.02
N LEU A 55 -2.80 -10.54 25.53
CA LEU A 55 -1.39 -10.81 25.79
C LEU A 55 -1.06 -11.11 27.25
N THR A 56 -1.60 -10.30 28.15
CA THR A 56 -1.35 -10.50 29.58
C THR A 56 -2.04 -11.76 30.10
N ALA A 57 -3.32 -11.90 29.76
CA ALA A 57 -4.10 -13.06 30.18
C ALA A 57 -3.53 -14.34 29.58
N ASP A 58 -2.70 -14.20 28.55
CA ASP A 58 -2.11 -15.36 27.91
C ASP A 58 -0.94 -15.88 28.73
N LYS A 59 -0.08 -14.98 29.19
CA LYS A 59 1.07 -15.39 29.99
C LYS A 59 0.61 -15.83 31.37
N LEU A 60 -0.48 -15.23 31.86
CA LEU A 60 -1.03 -15.58 33.16
C LEU A 60 -1.75 -16.92 33.02
N TRP A 61 -1.90 -17.36 31.77
CA TRP A 61 -2.55 -18.61 31.46
C TRP A 61 -1.53 -19.73 31.23
N GLN A 62 -0.34 -19.35 30.75
CA GLN A 62 0.71 -20.32 30.51
C GLN A 62 1.52 -20.54 31.77
N ALA A 63 1.70 -19.49 32.56
CA ALA A 63 2.46 -19.58 33.80
C ALA A 63 1.68 -20.36 34.85
N ARG A 64 0.40 -20.54 34.60
CA ARG A 64 -0.48 -21.26 35.51
C ARG A 64 -1.10 -22.45 34.76
N GLY A 65 -0.25 -23.20 34.08
CA GLY A 65 -0.72 -24.34 33.31
C GLY A 65 -1.08 -23.80 31.93
N GLY A 66 -2.30 -24.10 31.48
CA GLY A 66 -2.76 -23.60 30.19
C GLY A 66 -2.22 -24.26 28.93
N ALA A 67 -3.14 -24.80 28.13
CA ALA A 67 -2.79 -25.46 26.88
C ALA A 67 -2.90 -24.47 25.72
N LEU A 68 -1.77 -24.18 25.09
CA LEU A 68 -1.73 -23.26 23.97
C LEU A 68 -2.75 -23.60 22.88
N ASP A 69 -3.25 -24.84 22.89
CA ASP A 69 -4.23 -25.26 21.90
C ASP A 69 -5.64 -25.17 22.42
N ASP A 70 -5.79 -24.94 23.72
CA ASP A 70 -7.10 -24.84 24.35
C ASP A 70 -8.02 -23.87 23.63
N PRO A 71 -9.20 -24.35 23.21
CA PRO A 71 -10.17 -23.53 22.48
C PRO A 71 -10.52 -22.19 23.13
N ARG A 72 -10.45 -22.10 24.46
CA ARG A 72 -10.75 -20.84 25.12
C ARG A 72 -9.67 -19.80 24.80
N ARG A 73 -8.45 -20.26 24.57
CA ARG A 73 -7.36 -19.35 24.25
C ARG A 73 -7.45 -18.93 22.79
N LEU A 74 -7.84 -19.87 21.94
CA LEU A 74 -7.99 -19.62 20.50
C LEU A 74 -9.05 -18.57 20.21
N THR A 75 -10.25 -18.77 20.75
CA THR A 75 -11.35 -17.83 20.53
C THR A 75 -10.90 -16.44 20.97
N ALA A 76 -10.14 -16.37 22.05
CA ALA A 76 -9.64 -15.10 22.55
C ALA A 76 -8.60 -14.57 21.56
N ALA A 77 -7.77 -15.49 21.05
CA ALA A 77 -6.73 -15.15 20.11
C ALA A 77 -7.31 -14.54 18.84
N ALA A 78 -8.51 -14.97 18.46
CA ALA A 78 -9.15 -14.44 17.27
C ALA A 78 -9.57 -12.99 17.51
N VAL A 79 -10.13 -12.73 18.69
CA VAL A 79 -10.56 -11.38 19.04
C VAL A 79 -9.34 -10.46 19.02
N TYR A 80 -8.24 -10.94 19.60
CA TYR A 80 -6.99 -10.19 19.66
C TYR A 80 -6.48 -9.88 18.26
N ALA A 81 -6.73 -10.80 17.32
CA ALA A 81 -6.28 -10.64 15.95
C ALA A 81 -6.99 -9.43 15.32
N LEU A 82 -8.30 -9.34 15.52
CA LEU A 82 -9.06 -8.22 14.99
C LEU A 82 -8.69 -6.92 15.68
N GLN A 83 -8.61 -6.95 17.01
CA GLN A 83 -8.24 -5.74 17.74
C GLN A 83 -6.92 -5.24 17.16
N LEU A 84 -5.98 -6.15 16.98
CA LEU A 84 -4.68 -5.78 16.43
C LEU A 84 -4.82 -5.28 14.98
N ALA A 85 -5.78 -5.83 14.26
CA ALA A 85 -5.98 -5.40 12.87
C ALA A 85 -6.33 -3.90 12.83
N GLY A 86 -7.10 -3.44 13.82
CA GLY A 86 -7.47 -2.04 13.86
C GLY A 86 -6.37 -1.19 14.45
N THR A 87 -5.70 -1.72 15.46
CA THR A 87 -4.62 -1.02 16.14
C THR A 87 -3.38 -0.78 15.28
N GLN A 88 -2.98 -1.79 14.54
CA GLN A 88 -1.79 -1.71 13.70
C GLN A 88 -2.02 -1.27 12.27
N ALA A 89 -3.11 -1.68 11.66
CA ALA A 89 -3.38 -1.29 10.29
C ALA A 89 -4.60 -0.40 10.12
N GLY A 90 -5.41 -0.27 11.17
CA GLY A 90 -6.58 0.59 11.08
C GLY A 90 -7.76 0.01 10.35
N HIS A 91 -7.78 -1.32 10.22
CA HIS A 91 -8.86 -2.03 9.53
C HIS A 91 -10.08 -2.07 10.44
N SER A 92 -11.26 -1.89 9.88
CA SER A 92 -12.49 -1.97 10.66
C SER A 92 -12.95 -3.43 10.70
N PHE A 93 -12.45 -4.24 9.76
CA PHE A 93 -12.80 -5.66 9.67
C PHE A 93 -11.71 -6.42 8.93
N LEU A 94 -11.80 -7.74 8.99
CA LEU A 94 -10.87 -8.61 8.30
C LEU A 94 -11.62 -9.73 7.61
N PRO A 95 -11.26 -10.04 6.35
CA PRO A 95 -11.95 -11.13 5.65
C PRO A 95 -11.66 -12.37 6.49
N ARG A 96 -12.62 -13.29 6.59
CA ARG A 96 -12.41 -14.51 7.38
C ARG A 96 -11.02 -15.08 7.21
N SER A 97 -10.54 -15.14 5.97
CA SER A 97 -9.20 -15.65 5.69
C SER A 97 -8.13 -14.89 6.45
N ARG A 98 -7.99 -13.60 6.15
CA ARG A 98 -6.97 -12.76 6.78
C ARG A 98 -7.01 -12.83 8.31
N ALA A 99 -8.18 -13.10 8.87
CA ALA A 99 -8.32 -13.20 10.32
C ALA A 99 -7.67 -14.50 10.78
N GLU A 100 -8.04 -15.61 10.16
CA GLU A 100 -7.46 -16.91 10.51
C GLU A 100 -5.93 -16.82 10.35
N LYS A 101 -5.49 -16.11 9.33
CA LYS A 101 -4.08 -15.94 9.06
C LYS A 101 -3.45 -15.08 10.14
N GLY A 102 -4.17 -14.04 10.56
CA GLY A 102 -3.68 -13.16 11.59
C GLY A 102 -3.53 -13.89 12.91
N VAL A 103 -4.39 -14.88 13.13
CA VAL A 103 -4.33 -15.65 14.37
C VAL A 103 -3.03 -16.46 14.41
N VAL A 104 -2.66 -17.04 13.27
CA VAL A 104 -1.45 -17.84 13.16
C VAL A 104 -0.19 -17.03 13.41
N HIS A 105 -0.23 -15.74 13.06
CA HIS A 105 0.94 -14.88 13.26
C HIS A 105 1.03 -14.30 14.67
N TYR A 106 -0.12 -14.01 15.28
CA TYR A 106 -0.16 -13.44 16.62
C TYR A 106 -0.39 -14.51 17.69
N THR A 107 -0.28 -15.75 17.26
CA THR A 107 -0.44 -16.91 18.14
C THR A 107 0.53 -17.91 17.52
N ARG A 108 0.07 -19.09 17.13
CA ARG A 108 0.96 -20.05 16.51
C ARG A 108 0.37 -21.43 16.21
N VAL A 109 -0.93 -21.61 16.45
CA VAL A 109 -1.53 -22.91 16.21
C VAL A 109 -1.54 -23.34 14.74
N THR A 110 -2.27 -24.41 14.47
CA THR A 110 -2.38 -24.97 13.13
C THR A 110 -3.45 -24.33 12.26
N PRO A 111 -3.07 -23.91 11.04
CA PRO A 111 -4.01 -23.28 10.10
C PRO A 111 -5.14 -24.27 9.76
N GLY A 112 -6.00 -24.47 10.74
CA GLY A 112 -7.13 -25.37 10.60
C GLY A 112 -7.81 -25.24 11.95
N GLN A 113 -6.97 -24.99 12.96
CA GLN A 113 -7.44 -24.78 14.32
C GLN A 113 -7.90 -23.33 14.38
N ALA A 114 -7.24 -22.49 13.59
CA ALA A 114 -7.58 -21.07 13.50
C ALA A 114 -9.02 -20.92 13.05
N ARG A 115 -9.43 -21.71 12.08
CA ARG A 115 -10.81 -21.65 11.58
C ARG A 115 -11.76 -21.90 12.73
N LEU A 116 -11.38 -22.83 13.61
CA LEU A 116 -12.20 -23.18 14.77
C LEU A 116 -12.17 -22.02 15.75
N ALA A 117 -11.02 -21.35 15.83
CA ALA A 117 -10.85 -20.20 16.72
C ALA A 117 -11.79 -19.09 16.25
N VAL A 118 -11.68 -18.72 14.99
CA VAL A 118 -12.53 -17.68 14.43
C VAL A 118 -14.00 -18.10 14.52
N GLU A 119 -14.32 -19.31 14.09
CA GLU A 119 -15.69 -19.81 14.13
C GLU A 119 -16.28 -19.82 15.54
N THR A 120 -15.52 -20.31 16.50
CA THR A 120 -16.00 -20.36 17.89
C THR A 120 -16.30 -18.94 18.35
N ALA A 121 -15.35 -18.05 18.10
CA ALA A 121 -15.49 -16.64 18.46
C ALA A 121 -16.71 -16.02 17.78
N VAL A 122 -16.95 -16.45 16.54
CA VAL A 122 -18.10 -15.94 15.81
C VAL A 122 -19.40 -16.32 16.51
N GLU A 123 -19.65 -17.61 16.67
CA GLU A 123 -20.90 -18.04 17.30
C GLU A 123 -20.97 -17.72 18.79
N LEU A 124 -19.83 -17.58 19.44
CA LEU A 124 -19.87 -17.24 20.87
C LEU A 124 -20.26 -15.78 20.99
N GLY A 125 -20.34 -15.09 19.86
CA GLY A 125 -20.71 -13.69 19.85
C GLY A 125 -19.56 -12.78 20.21
N ARG A 126 -18.34 -13.31 20.15
CA ARG A 126 -17.15 -12.54 20.46
C ARG A 126 -16.64 -11.84 19.20
N LEU A 127 -17.22 -12.21 18.06
CA LEU A 127 -16.87 -11.64 16.77
C LEU A 127 -18.10 -11.72 15.87
N SER A 128 -18.31 -10.70 15.06
CA SER A 128 -19.46 -10.68 14.18
C SER A 128 -19.02 -10.92 12.74
N GLU A 129 -19.95 -11.42 11.91
CA GLU A 129 -19.65 -11.66 10.51
C GLU A 129 -20.64 -10.90 9.62
N ASP A 130 -20.12 -10.02 8.77
CA ASP A 130 -20.93 -9.21 7.87
C ASP A 130 -21.88 -8.25 8.58
N GLU A 144 -16.21 -15.62 1.97
CA GLU A 144 -15.16 -15.06 2.82
C GLU A 144 -15.70 -13.85 3.55
N GLY A 145 -16.70 -14.10 4.39
CA GLY A 145 -17.36 -13.03 5.13
C GLY A 145 -16.40 -12.06 5.78
N ARG A 146 -16.92 -10.88 6.09
CA ARG A 146 -16.10 -9.87 6.73
C ARG A 146 -16.38 -9.95 8.22
N ILE A 147 -15.34 -10.16 9.02
CA ILE A 147 -15.55 -10.25 10.46
C ILE A 147 -15.07 -9.00 11.19
N TYR A 148 -15.84 -8.60 12.20
CA TYR A 148 -15.54 -7.41 12.98
C TYR A 148 -15.60 -7.70 14.47
N LEU A 149 -15.09 -6.76 15.26
CA LEU A 149 -15.23 -6.86 16.71
C LEU A 149 -16.69 -6.43 16.79
N PRO A 150 -17.52 -7.17 17.53
CA PRO A 150 -18.93 -6.81 17.63
C PRO A 150 -19.29 -5.31 17.64
N HIS A 151 -18.75 -4.55 18.59
CA HIS A 151 -19.08 -3.13 18.67
C HIS A 151 -18.66 -2.31 17.45
N VAL A 152 -17.59 -2.72 16.80
CA VAL A 152 -17.15 -1.98 15.63
C VAL A 152 -18.13 -2.08 14.47
N LEU A 153 -18.81 -3.22 14.33
CA LEU A 153 -19.78 -3.38 13.25
C LEU A 153 -20.93 -2.43 13.54
N ARG A 154 -21.38 -2.43 14.80
CA ARG A 154 -22.48 -1.57 15.22
C ARG A 154 -22.09 -0.11 15.01
N ALA A 155 -20.85 0.20 15.35
CA ALA A 155 -20.33 1.55 15.19
C ALA A 155 -20.39 1.99 13.73
N GLU A 156 -19.84 1.16 12.85
CA GLU A 156 -19.82 1.48 11.45
C GLU A 156 -21.23 1.59 10.89
N LYS A 157 -22.15 0.77 11.38
CA LYS A 157 -23.52 0.84 10.90
C LYS A 157 -24.23 2.10 11.38
N LYS A 158 -24.01 2.51 12.63
CA LYS A 158 -24.65 3.71 13.14
C LYS A 158 -24.05 4.96 12.49
N LEU A 159 -22.75 4.90 12.16
CA LEU A 159 -22.07 6.03 11.56
C LEU A 159 -22.67 6.33 10.18
N ALA A 160 -22.75 5.30 9.34
CA ALA A 160 -23.32 5.43 8.00
C ALA A 160 -24.74 5.96 8.12
N SER A 161 -25.44 5.48 9.14
CA SER A 161 -26.81 5.91 9.37
C SER A 161 -26.85 7.42 9.67
N LEU A 162 -25.99 7.88 10.56
CA LEU A 162 -25.94 9.29 10.92
C LEU A 162 -25.61 10.14 9.70
N ILE A 163 -24.63 9.70 8.94
CA ILE A 163 -24.23 10.42 7.74
C ILE A 163 -25.39 10.45 6.78
N ARG A 164 -26.10 9.32 6.68
CA ARG A 164 -27.26 9.22 5.80
C ARG A 164 -28.29 10.30 6.09
N THR A 165 -28.73 10.40 7.35
CA THR A 165 -29.73 11.40 7.67
C THR A 165 -29.17 12.80 7.51
N LEU A 166 -27.87 12.96 7.72
CA LEU A 166 -27.24 14.27 7.58
C LEU A 166 -27.27 14.71 6.11
N LEU A 167 -27.13 13.74 5.21
CA LEU A 167 -27.12 14.02 3.79
C LEU A 167 -28.51 14.23 3.20
N ALA A 168 -29.53 13.72 3.88
CA ALA A 168 -30.90 13.83 3.36
C ALA A 168 -31.80 14.82 4.08
N THR A 169 -31.31 15.43 5.15
CA THR A 169 -32.14 16.38 5.87
C THR A 169 -31.65 17.82 5.67
N PRO A 170 -32.59 18.78 5.61
CA PRO A 170 -32.28 20.19 5.41
C PRO A 170 -31.87 20.89 6.70
N PRO A 171 -30.92 21.83 6.61
CA PRO A 171 -30.48 22.55 7.81
C PRO A 171 -31.64 23.38 8.31
N ALA A 172 -31.79 23.47 9.62
CA ALA A 172 -32.90 24.24 10.19
C ALA A 172 -32.87 24.32 11.72
N ASP A 173 -33.87 25.00 12.27
CA ASP A 173 -34.02 25.16 13.72
C ASP A 173 -35.49 25.03 14.13
N GLY A 176 -38.06 24.14 10.79
CA GLY A 176 -37.92 24.68 9.46
C GLY A 176 -37.48 26.13 9.53
N ASN A 177 -36.24 26.33 9.97
CA ASN A 177 -35.69 27.67 10.12
C ASN A 177 -34.33 27.76 9.41
N ASP A 178 -34.27 28.40 8.24
CA ASP A 178 -33.00 28.51 7.51
C ASP A 178 -32.85 29.73 6.60
N ASP A 179 -32.08 30.71 7.05
CA ASP A 179 -31.86 31.92 6.26
C ASP A 179 -30.43 32.03 5.72
N TRP A 180 -29.81 30.89 5.41
CA TRP A 180 -28.45 30.95 4.89
C TRP A 180 -28.45 31.67 3.55
N ALA A 181 -27.70 32.76 3.48
CA ALA A 181 -27.59 33.57 2.27
C ALA A 181 -26.20 34.18 2.27
N VAL A 182 -25.54 34.16 1.11
CA VAL A 182 -24.19 34.67 1.00
C VAL A 182 -24.05 36.10 0.46
N PRO A 183 -23.81 37.08 1.36
CA PRO A 183 -23.65 38.48 0.97
C PRO A 183 -22.34 38.58 0.22
N LYS A 184 -22.22 39.53 -0.70
CA LYS A 184 -20.99 39.65 -1.46
C LYS A 184 -19.76 39.91 -0.57
N LYS A 185 -19.89 40.77 0.42
CA LYS A 185 -18.78 41.06 1.31
C LYS A 185 -18.21 39.76 1.88
N ALA A 186 -19.07 38.76 2.03
CA ALA A 186 -18.70 37.47 2.58
C ALA A 186 -17.69 36.68 1.76
N ARG A 187 -17.63 36.90 0.46
CA ARG A 187 -16.65 36.15 -0.33
C ARG A 187 -15.42 36.98 -0.66
N LYS A 188 -15.19 38.03 0.13
CA LYS A 188 -14.06 38.91 -0.08
C LYS A 188 -12.75 38.24 0.32
N GLY A 189 -11.83 38.15 -0.63
CA GLY A 189 -10.54 37.55 -0.36
C GLY A 189 -10.48 36.08 -0.72
N LEU A 190 -11.65 35.46 -0.83
CA LEU A 190 -11.71 34.05 -1.18
C LEU A 190 -11.56 33.87 -2.68
N SER A 191 -11.20 32.66 -3.08
CA SER A 191 -11.07 32.36 -4.50
C SER A 191 -12.44 31.88 -4.92
N GLU A 192 -12.62 31.60 -6.19
CA GLU A 192 -13.92 31.13 -6.68
C GLU A 192 -14.27 29.83 -5.94
N GLU A 193 -13.34 28.87 -5.98
CA GLU A 193 -13.54 27.58 -5.33
C GLU A 193 -13.81 27.72 -3.83
N GLN A 194 -12.97 28.50 -3.15
CA GLN A 194 -13.13 28.73 -1.71
C GLN A 194 -14.50 29.31 -1.38
N ALA A 195 -14.91 30.30 -2.16
CA ALA A 195 -16.21 30.95 -1.94
C ALA A 195 -17.37 29.99 -2.15
N SER A 196 -17.20 29.06 -3.08
CA SER A 196 -18.25 28.10 -3.35
C SER A 196 -18.68 27.35 -2.10
N VAL A 197 -17.77 27.18 -1.14
CA VAL A 197 -18.11 26.48 0.11
C VAL A 197 -19.26 27.21 0.81
N LEU A 198 -19.19 28.54 0.82
CA LEU A 198 -20.23 29.37 1.44
C LEU A 198 -21.60 29.06 0.82
N ASP A 199 -21.62 28.84 -0.49
CA ASP A 199 -22.86 28.55 -1.20
C ASP A 199 -23.33 27.15 -0.90
N GLN A 200 -22.37 26.23 -0.81
CA GLN A 200 -22.67 24.83 -0.56
C GLN A 200 -23.31 24.57 0.79
N LEU A 201 -22.91 25.33 1.81
CA LEU A 201 -23.47 25.17 3.15
C LEU A 201 -24.96 25.53 3.21
N ALA A 202 -25.43 26.18 2.15
CA ALA A 202 -26.84 26.55 2.05
C ALA A 202 -27.57 25.37 1.42
N GLY A 203 -28.50 24.79 2.16
CA GLY A 203 -29.23 23.65 1.62
C GLY A 203 -28.57 22.32 1.92
N HIS A 204 -27.45 22.33 2.65
CA HIS A 204 -26.76 21.09 2.99
C HIS A 204 -26.26 21.12 4.44
N ARG A 205 -26.49 20.03 5.15
CA ARG A 205 -26.05 19.95 6.54
C ARG A 205 -24.63 19.42 6.65
N LEU A 206 -24.23 18.60 5.70
CA LEU A 206 -22.89 18.02 5.74
C LEU A 206 -22.11 18.39 4.49
N VAL A 207 -21.03 19.15 4.67
CA VAL A 207 -20.20 19.55 3.55
C VAL A 207 -18.73 19.21 3.82
N VAL A 208 -18.05 18.67 2.82
CA VAL A 208 -16.63 18.35 2.95
C VAL A 208 -15.80 19.32 2.11
N LEU A 209 -14.66 19.74 2.65
CA LEU A 209 -13.77 20.69 1.95
C LEU A 209 -12.37 20.07 1.92
N THR A 210 -11.96 19.56 0.76
CA THR A 210 -10.64 18.97 0.64
C THR A 210 -9.80 19.76 -0.33
N GLY A 211 -8.60 19.26 -0.57
CA GLY A 211 -7.66 19.91 -1.45
C GLY A 211 -6.32 19.63 -0.81
N GLY A 212 -5.27 19.56 -1.62
CA GLY A 212 -3.96 19.29 -1.09
C GLY A 212 -3.52 20.32 -0.09
N PRO A 213 -2.35 20.10 0.53
CA PRO A 213 -1.85 21.07 1.52
C PRO A 213 -1.60 22.42 0.89
N GLY A 214 -1.80 23.47 1.67
CA GLY A 214 -1.55 24.83 1.20
C GLY A 214 -2.51 25.42 0.18
N THR A 215 -3.70 24.86 0.08
CA THR A 215 -4.68 25.38 -0.87
C THR A 215 -5.67 26.31 -0.21
N GLY A 216 -5.44 26.61 1.06
CA GLY A 216 -6.29 27.52 1.79
C GLY A 216 -7.61 26.99 2.33
N LYS A 217 -7.67 25.70 2.66
CA LYS A 217 -8.90 25.14 3.19
C LYS A 217 -9.21 25.74 4.57
N SER A 218 -8.28 25.60 5.50
CA SER A 218 -8.46 26.13 6.84
C SER A 218 -8.74 27.64 6.84
N THR A 219 -8.14 28.35 5.88
CA THR A 219 -8.32 29.79 5.76
C THR A 219 -9.76 30.10 5.34
N THR A 220 -10.30 29.28 4.46
CA THR A 220 -11.65 29.45 3.97
C THR A 220 -12.64 29.41 5.14
N THR A 221 -12.21 28.69 6.18
CA THR A 221 -12.97 28.49 7.41
C THR A 221 -13.28 29.79 8.16
N LYS A 222 -12.38 30.77 8.12
CA LYS A 222 -12.64 32.01 8.81
C LYS A 222 -13.86 32.69 8.19
N ALA A 223 -13.94 32.66 6.86
CA ALA A 223 -15.06 33.27 6.15
C ALA A 223 -16.35 32.53 6.51
N VAL A 224 -16.33 31.20 6.43
CA VAL A 224 -17.51 30.40 6.76
C VAL A 224 -18.02 30.71 8.15
N ALA A 225 -17.11 30.88 9.10
CA ALA A 225 -17.51 31.17 10.47
C ALA A 225 -18.05 32.60 10.58
N ASP A 226 -17.42 33.54 9.87
CA ASP A 226 -17.89 34.91 9.91
C ASP A 226 -19.32 34.97 9.39
N LEU A 227 -19.55 34.30 8.26
CA LEU A 227 -20.88 34.28 7.67
C LEU A 227 -21.88 33.74 8.67
N ALA A 228 -21.58 32.55 9.18
CA ALA A 228 -22.46 31.90 10.16
C ALA A 228 -22.82 32.82 11.31
N GLU A 229 -21.85 33.51 11.88
CA GLU A 229 -22.11 34.41 12.98
C GLU A 229 -23.01 35.56 12.55
N SER A 230 -22.78 36.08 11.35
CA SER A 230 -23.58 37.21 10.88
C SER A 230 -25.05 36.79 10.73
N LEU A 231 -25.29 35.50 10.52
CA LEU A 231 -26.64 34.98 10.40
C LEU A 231 -27.15 34.61 11.80
N GLY A 232 -26.37 34.98 12.81
CA GLY A 232 -26.75 34.70 14.19
C GLY A 232 -26.60 33.25 14.64
N LEU A 233 -25.84 32.46 13.90
CA LEU A 233 -25.63 31.06 14.25
C LEU A 233 -24.42 30.82 15.17
N GLU A 234 -24.56 29.89 16.11
CA GLU A 234 -23.47 29.53 17.01
C GLU A 234 -22.51 28.61 16.28
N VAL A 235 -21.22 28.94 16.31
CA VAL A 235 -20.21 28.14 15.63
C VAL A 235 -19.21 27.44 16.56
N GLY A 236 -19.03 26.14 16.36
CA GLY A 236 -18.08 25.37 17.17
C GLY A 236 -16.89 24.97 16.32
N LEU A 237 -15.67 25.24 16.80
CA LEU A 237 -14.46 24.89 16.05
C LEU A 237 -13.55 23.90 16.76
N CYS A 238 -13.18 22.84 16.07
CA CYS A 238 -12.32 21.83 16.67
C CYS A 238 -11.47 21.09 15.63
N ALA A 239 -10.49 20.35 16.13
CA ALA A 239 -9.61 19.54 15.29
C ALA A 239 -9.17 18.37 16.18
N PRO A 240 -8.66 17.29 15.56
CA PRO A 240 -8.21 16.12 16.31
C PRO A 240 -7.06 16.36 17.29
N THR A 241 -6.02 17.07 16.87
CA THR A 241 -4.89 17.31 17.77
C THR A 241 -4.91 18.70 18.42
N GLY A 242 -4.23 18.82 19.55
CA GLY A 242 -4.18 20.09 20.25
C GLY A 242 -3.64 21.24 19.41
N LYS A 243 -2.46 21.06 18.82
CA LYS A 243 -1.85 22.09 17.99
C LYS A 243 -2.68 22.41 16.76
N ALA A 244 -3.32 21.41 16.17
CA ALA A 244 -4.13 21.71 14.99
C ALA A 244 -5.30 22.59 15.43
N ALA A 245 -5.92 22.24 16.56
CA ALA A 245 -7.03 23.02 17.08
C ALA A 245 -6.57 24.44 17.34
N ARG A 246 -5.33 24.55 17.82
CA ARG A 246 -4.72 25.83 18.12
C ARG A 246 -4.59 26.68 16.86
N ARG A 247 -4.14 26.08 15.76
CA ARG A 247 -3.99 26.82 14.52
C ARG A 247 -5.35 27.16 13.92
N LEU A 248 -6.31 26.27 14.08
CA LEU A 248 -7.63 26.53 13.54
C LEU A 248 -8.09 27.82 14.22
N GLY A 249 -7.82 27.92 15.52
CA GLY A 249 -8.18 29.11 16.26
C GLY A 249 -7.45 30.35 15.74
N GLU A 250 -6.14 30.23 15.50
CA GLU A 250 -5.39 31.37 14.99
C GLU A 250 -5.92 31.88 13.66
N VAL A 251 -6.01 31.04 12.65
CA VAL A 251 -6.49 31.46 11.33
C VAL A 251 -7.95 31.89 11.33
N THR A 252 -8.67 31.48 12.35
CA THR A 252 -10.09 31.77 12.44
C THR A 252 -10.40 32.98 13.33
N GLY A 253 -9.47 33.33 14.20
CA GLY A 253 -9.69 34.43 15.10
C GLY A 253 -10.69 34.05 16.16
N ARG A 254 -10.92 32.76 16.34
CA ARG A 254 -11.88 32.29 17.33
C ARG A 254 -11.32 31.21 18.23
N THR A 255 -12.08 30.89 19.26
CA THR A 255 -11.71 29.85 20.21
C THR A 255 -11.97 28.49 19.55
N ALA A 256 -10.98 27.62 19.59
CA ALA A 256 -11.15 26.29 19.02
C ALA A 256 -10.51 25.30 19.98
N SER A 257 -10.94 24.04 19.91
CA SER A 257 -10.40 23.04 20.79
C SER A 257 -10.34 21.68 20.11
N THR A 258 -9.87 20.67 20.83
CA THR A 258 -9.82 19.34 20.29
C THR A 258 -11.24 18.83 20.22
N VAL A 259 -11.46 17.85 19.36
CA VAL A 259 -12.80 17.29 19.26
C VAL A 259 -13.19 16.70 20.62
N HIS A 260 -12.22 16.27 21.42
CA HIS A 260 -12.50 15.69 22.71
C HIS A 260 -13.03 16.71 23.72
N ARG A 261 -12.46 17.91 23.71
CA ARG A 261 -12.93 18.93 24.64
C ARG A 261 -14.25 19.54 24.18
N LEU A 262 -14.49 19.55 22.88
CA LEU A 262 -15.73 20.12 22.36
C LEU A 262 -16.88 19.24 22.80
N LEU A 263 -16.68 17.92 22.75
CA LEU A 263 -17.73 17.00 23.16
C LEU A 263 -17.79 16.90 24.68
N GLY A 264 -16.82 17.49 25.37
CA GLY A 264 -16.79 17.42 26.82
C GLY A 264 -16.47 16.00 27.25
N TYR A 265 -15.18 15.67 27.28
CA TYR A 265 -14.73 14.33 27.66
C TYR A 265 -14.84 14.17 29.16
N GLY A 266 -15.44 13.06 29.58
CA GLY A 266 -15.58 12.80 30.99
C GLY A 266 -15.36 11.33 31.30
N PRO A 267 -15.53 10.93 32.57
CA PRO A 267 -15.35 9.55 32.97
C PRO A 267 -16.44 8.63 32.42
N GLN A 268 -17.63 9.16 32.22
CA GLN A 268 -18.75 8.39 31.69
C GLN A 268 -18.74 8.44 30.18
N GLY A 269 -17.77 9.15 29.62
CA GLY A 269 -17.66 9.26 28.18
C GLY A 269 -17.91 10.70 27.78
N PHE A 270 -18.18 10.93 26.50
CA PHE A 270 -18.42 12.28 26.04
C PHE A 270 -19.71 12.87 26.57
N ARG A 271 -19.61 14.07 27.12
CA ARG A 271 -20.79 14.73 27.65
C ARG A 271 -21.86 14.90 26.56
N HIS A 272 -21.45 15.47 25.42
CA HIS A 272 -22.39 15.68 24.32
C HIS A 272 -22.63 14.43 23.49
N ASN A 273 -23.89 14.22 23.12
CA ASN A 273 -24.33 13.08 22.34
C ASN A 273 -25.74 13.42 21.87
N HIS A 274 -26.55 12.42 21.54
CA HIS A 274 -27.90 12.70 21.06
C HIS A 274 -28.84 13.22 22.16
N LEU A 275 -28.58 12.84 23.41
CA LEU A 275 -29.43 13.30 24.50
C LEU A 275 -29.10 14.72 24.90
N GLU A 276 -27.87 15.15 24.67
CA GLU A 276 -27.45 16.52 25.00
C GLU A 276 -26.48 17.00 23.92
N PRO A 277 -27.01 17.31 22.73
CA PRO A 277 -26.20 17.76 21.59
C PRO A 277 -25.23 18.88 21.97
N ALA A 278 -24.16 18.99 21.19
CA ALA A 278 -23.18 20.04 21.41
C ALA A 278 -23.93 21.30 20.99
N PRO A 279 -23.88 22.35 21.82
CA PRO A 279 -24.58 23.61 21.53
C PRO A 279 -24.04 24.46 20.37
N TYR A 280 -24.15 23.95 19.16
CA TYR A 280 -23.67 24.68 17.98
C TYR A 280 -24.57 24.45 16.77
N ASP A 281 -24.77 25.49 15.96
CA ASP A 281 -25.59 25.40 14.75
C ASP A 281 -24.70 24.99 13.59
N LEU A 282 -23.43 25.36 13.69
CA LEU A 282 -22.45 25.03 12.66
C LEU A 282 -21.25 24.44 13.37
N LEU A 283 -20.81 23.28 12.91
CA LEU A 283 -19.67 22.60 13.51
C LEU A 283 -18.55 22.56 12.48
N ILE A 284 -17.43 23.18 12.78
CA ILE A 284 -16.31 23.17 11.84
C ILE A 284 -15.21 22.27 12.39
N VAL A 285 -14.82 21.27 11.61
CA VAL A 285 -13.79 20.35 12.03
C VAL A 285 -12.73 20.36 10.97
N ASP A 286 -11.50 20.60 11.39
CA ASP A 286 -10.36 20.68 10.48
C ASP A 286 -9.45 19.47 10.71
N GLU A 287 -8.58 19.16 9.75
CA GLU A 287 -7.65 18.04 9.90
C GLU A 287 -8.41 16.72 10.08
N VAL A 288 -9.58 16.66 9.46
CA VAL A 288 -10.44 15.50 9.55
C VAL A 288 -9.84 14.16 9.09
N SER A 289 -8.70 14.18 8.39
CA SER A 289 -8.12 12.91 7.97
C SER A 289 -7.50 12.20 9.16
N MET A 290 -7.33 12.91 10.27
CA MET A 290 -6.76 12.30 11.46
C MET A 290 -7.85 11.74 12.37
N MET A 291 -9.10 11.81 11.92
CA MET A 291 -10.26 11.31 12.67
C MET A 291 -10.65 9.90 12.26
N GLY A 292 -10.73 9.01 13.23
CA GLY A 292 -11.14 7.64 12.94
C GLY A 292 -12.65 7.48 13.06
N ASP A 293 -13.16 6.32 12.67
CA ASP A 293 -14.58 6.04 12.76
C ASP A 293 -15.19 6.41 14.10
N ALA A 294 -14.61 5.87 15.17
CA ALA A 294 -15.09 6.10 16.52
C ALA A 294 -15.27 7.57 16.88
N LEU A 295 -14.24 8.39 16.67
CA LEU A 295 -14.38 9.80 17.00
C LEU A 295 -15.44 10.43 16.11
N MET A 296 -15.38 10.15 14.80
CA MET A 296 -16.37 10.70 13.87
C MET A 296 -17.78 10.38 14.34
N LEU A 297 -18.01 9.12 14.71
CA LEU A 297 -19.32 8.71 15.20
C LEU A 297 -19.70 9.55 16.40
N SER A 298 -18.77 9.71 17.33
CA SER A 298 -19.02 10.50 18.53
C SER A 298 -19.37 11.95 18.21
N LEU A 299 -18.64 12.57 17.29
CA LEU A 299 -18.88 13.96 16.91
C LEU A 299 -20.23 14.11 16.21
N LEU A 300 -20.47 13.29 15.19
CA LEU A 300 -21.73 13.36 14.46
C LEU A 300 -22.96 13.12 15.35
N ALA A 301 -22.89 12.13 16.23
CA ALA A 301 -24.00 11.83 17.11
C ALA A 301 -24.35 13.02 18.02
N ALA A 302 -23.40 13.93 18.20
CA ALA A 302 -23.63 15.11 19.05
C ALA A 302 -24.03 16.36 18.25
N VAL A 303 -24.28 16.19 16.96
CA VAL A 303 -24.69 17.32 16.14
C VAL A 303 -26.18 17.57 16.30
N PRO A 304 -26.56 18.77 16.74
CA PRO A 304 -27.97 19.13 16.94
C PRO A 304 -28.73 18.90 15.64
N PRO A 305 -29.93 18.29 15.72
CA PRO A 305 -30.66 18.07 14.47
C PRO A 305 -30.88 19.38 13.72
N GLY A 306 -30.73 19.33 12.39
CA GLY A 306 -30.89 20.53 11.60
C GLY A 306 -29.62 21.37 11.57
N ALA A 307 -28.68 21.05 12.45
CA ALA A 307 -27.42 21.81 12.48
C ALA A 307 -26.49 21.41 11.35
N ARG A 308 -25.56 22.30 11.04
CA ARG A 308 -24.60 22.08 9.97
C ARG A 308 -23.24 21.60 10.48
N VAL A 309 -22.57 20.79 9.66
CA VAL A 309 -21.26 20.25 9.95
C VAL A 309 -20.39 20.41 8.71
N LEU A 310 -19.26 21.10 8.88
CA LEU A 310 -18.32 21.33 7.79
C LEU A 310 -17.03 20.57 8.12
N LEU A 311 -16.73 19.55 7.32
CA LEU A 311 -15.52 18.77 7.53
C LEU A 311 -14.45 19.22 6.54
N VAL A 312 -13.27 19.53 7.04
CA VAL A 312 -12.21 19.96 6.16
C VAL A 312 -10.95 19.16 6.44
N GLY A 313 -10.28 18.72 5.37
CA GLY A 313 -9.06 17.94 5.51
C GLY A 313 -8.60 17.30 4.22
N ASP A 314 -7.43 16.68 4.24
CA ASP A 314 -6.84 16.06 3.06
C ASP A 314 -6.42 14.63 3.38
N THR A 315 -7.05 13.65 2.73
CA THR A 315 -6.73 12.25 2.99
C THR A 315 -5.33 11.85 2.57
N ASP A 316 -4.62 12.73 1.87
CA ASP A 316 -3.26 12.39 1.47
C ASP A 316 -2.29 12.67 2.62
N GLN A 317 -2.76 13.38 3.65
CA GLN A 317 -1.91 13.66 4.79
C GLN A 317 -2.02 12.53 5.79
N LEU A 318 -1.78 12.77 7.07
CA LEU A 318 -1.80 11.68 8.06
C LEU A 318 -3.13 11.01 8.44
N PRO A 319 -3.14 9.67 8.36
CA PRO A 319 -4.33 8.85 8.70
C PRO A 319 -4.51 8.87 10.20
N PRO A 320 -5.68 8.50 10.71
CA PRO A 320 -5.91 8.49 12.16
C PRO A 320 -5.08 7.43 12.87
N VAL A 321 -4.87 7.61 14.18
CA VAL A 321 -4.15 6.62 14.95
C VAL A 321 -5.12 5.46 15.19
N ASP A 322 -6.39 5.79 15.37
CA ASP A 322 -7.45 4.81 15.58
C ASP A 322 -7.84 4.17 14.25
N ALA A 323 -8.74 3.18 14.30
CA ALA A 323 -9.18 2.49 13.09
C ALA A 323 -10.19 3.26 12.24
N GLY A 324 -10.16 3.00 10.94
CA GLY A 324 -11.07 3.66 10.04
C GLY A 324 -10.42 4.85 9.36
N LEU A 325 -11.19 5.50 8.50
CA LEU A 325 -10.75 6.69 7.76
C LEU A 325 -12.00 7.20 7.06
N PRO A 326 -12.98 7.66 7.84
CA PRO A 326 -14.27 8.19 7.40
C PRO A 326 -14.23 9.30 6.36
N LEU A 327 -13.21 10.16 6.41
CA LEU A 327 -13.10 11.26 5.46
C LEU A 327 -13.04 10.75 4.03
N LEU A 328 -12.51 9.55 3.85
CA LEU A 328 -12.39 8.97 2.52
C LEU A 328 -13.78 8.69 1.96
N ALA A 329 -14.63 8.10 2.79
CA ALA A 329 -15.99 7.80 2.38
C ALA A 329 -16.75 9.12 2.17
N LEU A 330 -16.77 9.96 3.19
CA LEU A 330 -17.46 11.25 3.15
C LEU A 330 -17.13 12.11 1.94
N ALA A 331 -15.84 12.21 1.59
CA ALA A 331 -15.41 13.02 0.45
C ALA A 331 -16.02 12.50 -0.86
N GLN A 332 -16.74 11.38 -0.77
CA GLN A 332 -17.34 10.81 -1.96
C GLN A 332 -18.85 10.74 -1.87
N ALA A 333 -19.37 10.77 -0.66
CA ALA A 333 -20.79 10.67 -0.46
C ALA A 333 -21.43 12.04 -0.24
N ALA A 334 -20.70 12.94 0.42
CA ALA A 334 -21.25 14.26 0.69
C ALA A 334 -20.82 15.31 -0.29
N PRO A 335 -21.57 16.42 -0.36
CA PRO A 335 -21.21 17.49 -1.30
C PRO A 335 -19.82 17.95 -0.85
N THR A 336 -18.87 17.95 -1.78
CA THR A 336 -17.53 18.37 -1.44
C THR A 336 -17.05 19.38 -2.45
N ILE A 337 -16.20 20.29 -2.00
CA ILE A 337 -15.65 21.26 -2.90
C ILE A 337 -14.17 20.97 -2.75
N LYS A 338 -13.45 20.98 -3.86
CA LYS A 338 -12.02 20.67 -3.82
C LYS A 338 -11.18 21.87 -4.24
N LEU A 339 -10.37 22.38 -3.33
CA LEU A 339 -9.51 23.52 -3.63
C LEU A 339 -8.32 22.99 -4.42
N THR A 340 -7.87 23.73 -5.42
CA THR A 340 -6.78 23.26 -6.24
C THR A 340 -5.61 24.21 -6.43
N GLN A 341 -5.79 25.48 -6.09
CA GLN A 341 -4.70 26.44 -6.25
C GLN A 341 -3.85 26.53 -4.99
N VAL A 342 -2.56 26.27 -5.11
CA VAL A 342 -1.65 26.31 -3.97
C VAL A 342 -1.20 27.74 -3.66
N TYR A 343 -1.34 28.15 -2.40
CA TYR A 343 -0.92 29.47 -1.97
C TYR A 343 0.25 29.40 -0.99
N ARG A 344 0.35 28.29 -0.27
CA ARG A 344 1.43 28.15 0.70
C ARG A 344 2.79 28.53 0.14
N GLN A 345 3.28 27.73 -0.81
CA GLN A 345 4.57 27.97 -1.42
C GLN A 345 4.38 28.78 -2.70
N ALA A 346 5.33 29.66 -2.98
CA ALA A 346 5.27 30.48 -4.19
C ALA A 346 5.21 29.54 -5.39
N ALA A 347 4.49 29.97 -6.42
CA ALA A 347 4.34 29.17 -7.62
C ALA A 347 5.68 28.66 -8.14
N LYS A 348 5.71 27.37 -8.43
CA LYS A 348 6.89 26.71 -8.96
C LYS A 348 8.10 26.65 -8.02
N ASN A 349 7.83 26.53 -6.73
CA ASN A 349 8.87 26.38 -5.72
C ASN A 349 9.11 24.86 -5.80
N PRO A 350 10.38 24.42 -5.72
CA PRO A 350 10.66 22.99 -5.82
C PRO A 350 9.80 22.13 -4.88
N ILE A 351 9.51 22.68 -3.70
CA ILE A 351 8.68 22.01 -2.71
C ILE A 351 7.39 21.48 -3.30
N ILE A 352 6.70 22.30 -4.08
CA ILE A 352 5.44 21.90 -4.69
C ILE A 352 5.61 20.70 -5.63
N GLN A 353 6.66 20.71 -6.43
CA GLN A 353 6.91 19.61 -7.37
C GLN A 353 7.30 18.36 -6.59
N ALA A 354 8.19 18.51 -5.61
CA ALA A 354 8.62 17.38 -4.81
C ALA A 354 7.40 16.72 -4.14
N ALA A 355 6.48 17.55 -3.65
CA ALA A 355 5.26 17.04 -3.02
C ALA A 355 4.48 16.20 -4.03
N HIS A 356 4.40 16.67 -5.26
CA HIS A 356 3.68 15.94 -6.30
C HIS A 356 4.43 14.65 -6.60
N GLY A 357 5.74 14.66 -6.39
CA GLY A 357 6.53 13.47 -6.63
C GLY A 357 6.29 12.41 -5.57
N LEU A 358 6.19 12.83 -4.31
CA LEU A 358 5.95 11.88 -3.23
C LEU A 358 4.65 11.11 -3.46
N LEU A 359 3.65 11.78 -4.02
CA LEU A 359 2.37 11.13 -4.28
C LEU A 359 2.51 10.00 -5.31
N HIS A 360 3.63 9.97 -6.01
CA HIS A 360 3.87 8.92 -7.01
C HIS A 360 5.07 8.04 -6.68
N GLY A 361 5.37 7.94 -5.39
CA GLY A 361 6.48 7.11 -4.95
C GLY A 361 7.88 7.55 -5.33
N GLU A 362 8.05 8.81 -5.72
CA GLU A 362 9.36 9.33 -6.10
C GLU A 362 9.91 10.31 -5.07
N ALA A 363 11.14 10.09 -4.62
CA ALA A 363 11.77 10.96 -3.62
C ALA A 363 12.09 12.34 -4.20
N PRO A 364 12.33 13.34 -3.33
CA PRO A 364 12.64 14.68 -3.83
C PRO A 364 14.01 14.77 -4.46
N ALA A 365 14.13 15.63 -5.46
CA ALA A 365 15.40 15.84 -6.11
C ALA A 365 16.05 16.99 -5.35
N TRP A 366 16.82 16.64 -4.31
CA TRP A 366 17.48 17.64 -3.48
C TRP A 366 18.59 18.38 -4.23
N GLY A 367 18.97 19.54 -3.71
CA GLY A 367 20.02 20.32 -4.33
C GLY A 367 19.75 21.82 -4.29
N ASP A 368 18.49 22.16 -4.48
CA ASP A 368 18.05 23.55 -4.49
C ASP A 368 18.27 24.22 -3.12
N LYS A 369 18.42 25.55 -3.14
CA LYS A 369 18.62 26.31 -1.91
C LYS A 369 17.35 26.26 -1.06
N ARG A 370 16.25 25.88 -1.71
CA ARG A 370 14.95 25.79 -1.04
C ARG A 370 14.53 24.35 -0.78
N LEU A 371 15.24 23.40 -1.38
CA LEU A 371 14.92 21.99 -1.22
C LEU A 371 16.22 21.20 -1.14
N ASN A 372 16.80 21.12 0.05
CA ASN A 372 18.04 20.41 0.21
C ASN A 372 18.04 19.45 1.39
N LEU A 373 18.97 18.50 1.34
CA LEU A 373 19.13 17.50 2.38
C LEU A 373 20.62 17.33 2.69
N THR A 374 20.95 17.23 3.98
CA THR A 374 22.33 17.02 4.37
C THR A 374 22.39 15.72 5.16
N GLU A 375 23.20 14.79 4.67
CA GLU A 375 23.35 13.48 5.31
C GLU A 375 23.87 13.55 6.74
N ILE A 376 23.29 12.73 7.61
CA ILE A 376 23.68 12.65 9.01
C ILE A 376 23.35 11.26 9.57
N GLU A 377 24.06 10.87 10.61
CA GLU A 377 23.86 9.58 11.24
C GLU A 377 23.25 9.82 12.61
N PRO A 378 22.60 8.80 13.19
CA PRO A 378 22.01 8.97 14.52
C PRO A 378 23.05 9.34 15.58
N ASP A 379 24.28 8.88 15.39
CA ASP A 379 25.36 9.19 16.33
C ASP A 379 25.82 10.62 16.11
N GLY A 380 25.57 11.47 17.10
CA GLY A 380 25.96 12.87 16.99
C GLY A 380 25.07 13.58 15.98
N GLY A 381 23.91 12.97 15.70
CA GLY A 381 22.99 13.53 14.74
C GLY A 381 22.27 14.76 15.23
N ALA A 382 21.66 14.65 16.41
CA ALA A 382 20.92 15.79 16.96
C ALA A 382 21.81 17.03 17.06
N ARG A 383 23.04 16.86 17.54
CA ARG A 383 23.96 17.98 17.66
C ARG A 383 24.05 18.69 16.31
N ARG A 384 24.24 17.90 15.25
CA ARG A 384 24.36 18.44 13.91
C ARG A 384 23.10 19.22 13.54
N VAL A 385 21.94 18.59 13.72
CA VAL A 385 20.68 19.23 13.40
C VAL A 385 20.63 20.60 14.06
N ALA A 386 21.03 20.66 15.33
CA ALA A 386 21.03 21.92 16.08
C ALA A 386 21.94 22.98 15.46
N LEU A 387 23.09 22.54 14.94
CA LEU A 387 24.03 23.47 14.33
C LEU A 387 23.46 23.95 13.00
N MET A 388 22.74 23.08 12.32
CA MET A 388 22.11 23.44 11.05
C MET A 388 21.10 24.53 11.34
N VAL A 389 20.38 24.38 12.45
CA VAL A 389 19.38 25.35 12.86
C VAL A 389 20.04 26.70 13.11
N ARG A 390 21.10 26.73 13.90
CA ARG A 390 21.80 27.99 14.16
C ARG A 390 22.18 28.64 12.83
N GLU A 391 22.74 27.83 11.93
CA GLU A 391 23.13 28.30 10.61
C GLU A 391 21.93 28.84 9.83
N LEU A 392 20.72 28.61 10.33
CA LEU A 392 19.52 29.09 9.64
C LEU A 392 18.76 30.17 10.39
N GLY A 393 19.40 30.77 11.39
CA GLY A 393 18.76 31.84 12.14
C GLY A 393 18.26 31.46 13.52
N GLY A 394 18.46 30.21 13.92
CA GLY A 394 18.00 29.79 15.24
C GLY A 394 16.61 29.18 15.25
N PRO A 395 16.18 28.64 16.40
CA PRO A 395 14.88 28.01 16.64
C PRO A 395 13.69 28.82 16.18
N GLY A 396 13.84 30.14 16.18
CA GLY A 396 12.74 31.00 15.74
C GLY A 396 12.65 31.22 14.24
N ALA A 397 13.66 30.80 13.50
CA ALA A 397 13.64 30.99 12.05
C ALA A 397 13.46 29.68 11.29
N VAL A 398 13.33 28.58 12.03
CA VAL A 398 13.18 27.29 11.40
C VAL A 398 12.53 26.30 12.35
N GLN A 399 11.55 25.57 11.83
CA GLN A 399 10.88 24.58 12.65
C GLN A 399 11.51 23.21 12.41
N VAL A 400 11.82 22.49 13.47
CA VAL A 400 12.40 21.15 13.35
C VAL A 400 11.29 20.13 13.53
N LEU A 401 11.22 19.18 12.61
CA LEU A 401 10.21 18.12 12.67
C LEU A 401 10.89 16.75 12.66
N THR A 402 10.31 15.83 13.43
CA THR A 402 10.83 14.48 13.48
C THR A 402 9.63 13.55 13.52
N PRO A 403 9.76 12.34 12.98
CA PRO A 403 8.63 11.40 12.98
C PRO A 403 8.33 10.75 14.33
N MET A 404 9.35 10.59 15.17
CA MET A 404 9.16 9.94 16.48
C MET A 404 9.64 10.78 17.66
N ARG A 405 9.22 10.39 18.86
CA ARG A 405 9.61 11.10 20.07
C ARG A 405 10.92 10.57 20.68
N LYS A 406 11.07 9.25 20.71
CA LYS A 406 12.27 8.63 21.29
C LYS A 406 13.34 8.31 20.24
N GLY A 407 14.53 7.94 20.72
CA GLY A 407 15.60 7.61 19.81
C GLY A 407 16.59 8.75 19.59
N PRO A 408 17.78 8.47 19.04
CA PRO A 408 18.82 9.47 18.78
C PRO A 408 18.31 10.61 17.92
N LEU A 409 17.36 10.30 17.05
CA LEU A 409 16.80 11.30 16.17
C LEU A 409 15.33 11.57 16.49
N GLY A 410 14.96 11.38 17.74
CA GLY A 410 13.60 11.63 18.17
C GLY A 410 13.42 13.03 18.73
N MET A 411 12.18 13.43 18.93
CA MET A 411 11.85 14.76 19.43
C MET A 411 12.47 15.11 20.78
N ASP A 412 12.54 14.13 21.68
CA ASP A 412 13.09 14.34 23.00
C ASP A 412 14.57 14.68 22.98
N HIS A 413 15.34 13.98 22.16
CA HIS A 413 16.76 14.22 22.06
C HIS A 413 17.08 15.46 21.21
N LEU A 414 16.25 15.72 20.22
CA LEU A 414 16.46 16.89 19.37
C LEU A 414 16.27 18.12 20.23
N ASN A 415 15.28 18.07 21.11
CA ASN A 415 14.98 19.17 22.01
C ASN A 415 16.16 19.45 22.92
N TYR A 416 16.70 18.39 23.52
CA TYR A 416 17.83 18.53 24.40
C TYR A 416 18.96 19.31 23.72
N HIS A 417 19.42 18.82 22.57
CA HIS A 417 20.51 19.49 21.84
C HIS A 417 20.14 20.89 21.40
N LEU A 418 18.89 21.09 21.05
CA LEU A 418 18.46 22.41 20.63
C LEU A 418 18.51 23.33 21.86
N GLN A 419 18.06 22.82 23.00
CA GLN A 419 18.08 23.62 24.21
C GLN A 419 19.53 23.92 24.62
N ALA A 420 20.35 22.87 24.63
CA ALA A 420 21.75 22.99 25.00
C ALA A 420 22.52 23.96 24.12
N LEU A 421 22.13 24.04 22.86
CA LEU A 421 22.83 24.92 21.93
C LEU A 421 22.36 26.36 21.95
N PHE A 422 21.06 26.60 22.07
CA PHE A 422 20.55 27.97 22.05
C PHE A 422 20.21 28.56 23.41
N ASN A 423 20.11 27.71 24.43
CA ASN A 423 19.81 28.22 25.76
C ASN A 423 20.60 27.42 26.78
N PRO A 424 21.94 27.39 26.63
CA PRO A 424 22.79 26.64 27.56
C PRO A 424 22.59 27.13 28.97
N GLY A 425 22.69 26.25 29.96
CA GLY A 425 22.82 26.68 31.35
C GLY A 425 22.23 26.02 32.59
N GLU A 426 21.77 26.91 33.46
CA GLU A 426 21.41 26.76 34.87
C GLU A 426 20.35 25.80 35.40
N GLY A 427 20.53 24.50 35.20
CA GLY A 427 19.55 23.54 35.71
C GLY A 427 18.25 24.12 36.24
N GLY A 428 17.24 24.23 35.37
CA GLY A 428 15.96 24.80 35.77
C GLY A 428 14.97 23.80 36.34
N VAL A 429 13.67 24.06 36.15
CA VAL A 429 12.62 23.19 36.66
C VAL A 429 12.38 21.98 35.75
N ARG A 430 12.36 20.79 36.36
CA ARG A 430 12.13 19.57 35.60
C ARG A 430 10.69 19.50 35.13
N ILE A 431 10.51 19.07 33.88
CA ILE A 431 9.18 18.93 33.31
C ILE A 431 9.05 17.52 32.73
N ALA A 432 8.19 17.37 31.72
CA ALA A 432 7.97 16.07 31.08
C ALA A 432 9.28 15.34 30.81
N GLU A 433 10.08 15.90 29.91
CA GLU A 433 11.37 15.32 29.57
C GLU A 433 12.36 16.46 29.70
N GLY A 434 13.46 16.24 30.41
CA GLY A 434 14.42 17.31 30.58
C GLY A 434 13.88 18.36 31.53
N GLU A 435 14.46 19.55 31.48
CA GLU A 435 14.06 20.64 32.36
C GLU A 435 13.74 21.87 31.55
N ALA A 436 13.20 22.88 32.20
CA ALA A 436 12.89 24.13 31.53
C ALA A 436 13.68 25.24 32.21
N ARG A 437 14.20 26.16 31.41
CA ARG A 437 14.98 27.29 31.92
C ARG A 437 14.43 28.55 31.25
N PRO A 438 14.50 29.72 31.93
CA PRO A 438 13.97 30.92 31.30
C PRO A 438 14.51 31.10 29.88
N GLY A 439 13.63 31.50 28.97
CA GLY A 439 14.02 31.68 27.59
C GLY A 439 13.58 30.50 26.73
N ASP A 440 13.41 29.33 27.34
CA ASP A 440 12.98 28.15 26.61
C ASP A 440 11.58 28.32 26.03
N THR A 441 11.34 27.70 24.89
CA THR A 441 10.01 27.74 24.28
C THR A 441 9.37 26.47 24.79
N VAL A 442 8.14 26.58 25.29
CA VAL A 442 7.43 25.45 25.85
C VAL A 442 6.09 25.15 25.17
N VAL A 443 5.70 23.88 25.19
CA VAL A 443 4.44 23.46 24.59
C VAL A 443 3.54 22.76 25.60
N GLN A 444 2.31 23.24 25.75
CA GLN A 444 1.40 22.61 26.68
C GLN A 444 1.01 21.30 26.01
N THR A 445 1.12 20.18 26.73
CA THR A 445 0.78 18.89 26.13
C THR A 445 -0.42 18.24 26.79
N LYS A 446 -0.83 18.76 27.93
CA LYS A 446 -1.97 18.21 28.65
C LYS A 446 -2.88 19.36 29.05
N ASN A 447 -4.18 19.11 29.12
CA ASN A 447 -5.12 20.17 29.48
C ASN A 447 -5.03 20.60 30.94
N ASP A 448 -4.99 21.90 31.15
CA ASP A 448 -4.93 22.47 32.49
C ASP A 448 -6.14 23.42 32.61
N TYR A 449 -7.18 22.94 33.26
CA TYR A 449 -8.39 23.73 33.41
C TYR A 449 -8.26 24.84 34.43
N ASN A 450 -7.41 24.65 35.45
CA ASN A 450 -7.21 25.68 36.46
C ASN A 450 -6.81 27.00 35.79
N ASN A 451 -5.64 26.99 35.13
CA ASN A 451 -5.14 28.19 34.47
C ASN A 451 -5.71 28.37 33.06
N GLU A 452 -6.36 27.33 32.55
CA GLU A 452 -6.95 27.37 31.23
C GLU A 452 -5.95 27.44 30.07
N ILE A 453 -4.97 26.54 30.14
CA ILE A 453 -3.94 26.43 29.13
C ILE A 453 -4.20 25.06 28.53
N PHE A 454 -4.58 25.02 27.25
CA PHE A 454 -4.88 23.74 26.66
C PHE A 454 -3.86 23.17 25.69
N ASN A 455 -3.87 21.86 25.60
CA ASN A 455 -2.98 21.08 24.74
C ASN A 455 -2.72 21.80 23.41
N GLY A 456 -1.46 22.07 23.12
CA GLY A 456 -1.10 22.71 21.86
C GLY A 456 -0.72 24.18 21.92
N THR A 457 -0.74 24.75 23.11
CA THR A 457 -0.41 26.16 23.28
C THR A 457 1.08 26.39 23.53
N LEU A 458 1.67 27.29 22.75
CA LEU A 458 3.07 27.61 22.89
C LEU A 458 3.28 28.64 24.00
N GLY A 459 4.36 28.47 24.75
CA GLY A 459 4.63 29.39 25.83
C GLY A 459 6.10 29.76 25.87
N MET A 460 6.41 30.77 26.67
CA MET A 460 7.78 31.24 26.81
C MET A 460 8.07 31.27 28.31
N VAL A 461 9.11 30.56 28.73
CA VAL A 461 9.47 30.51 30.14
C VAL A 461 10.03 31.86 30.58
N LEU A 462 9.32 32.52 31.50
CA LEU A 462 9.76 33.82 31.99
C LEU A 462 10.86 33.64 33.01
N LYS A 463 10.66 32.70 33.93
CA LYS A 463 11.65 32.42 34.95
C LYS A 463 11.44 31.05 35.61
N ALA A 464 12.55 30.46 36.05
CA ALA A 464 12.53 29.15 36.71
C ALA A 464 13.25 29.31 38.04
N GLU A 465 12.49 29.31 39.12
CA GLU A 465 13.05 29.48 40.46
C GLU A 465 12.70 28.31 41.35
N GLY A 466 13.68 27.45 41.62
CA GLY A 466 13.45 26.30 42.47
C GLY A 466 12.58 25.27 41.79
N ALA A 467 11.30 25.24 42.16
CA ALA A 467 10.35 24.30 41.57
C ALA A 467 9.11 25.09 41.16
N ARG A 468 9.34 26.36 40.83
CA ARG A 468 8.30 27.27 40.41
C ARG A 468 8.64 27.78 39.02
N LEU A 469 8.03 27.20 38.01
CA LEU A 469 8.28 27.58 36.63
C LEU A 469 7.17 28.50 36.16
N THR A 470 7.44 29.79 36.05
CA THR A 470 6.42 30.71 35.59
C THR A 470 6.59 30.92 34.09
N VAL A 471 5.53 30.62 33.34
CA VAL A 471 5.54 30.70 31.88
C VAL A 471 4.52 31.66 31.30
N ASP A 472 4.83 32.17 30.11
CA ASP A 472 3.96 33.08 29.40
C ASP A 472 3.35 32.36 28.19
N PHE A 473 2.09 31.97 28.31
CA PHE A 473 1.39 31.28 27.25
C PHE A 473 0.52 32.27 26.49
N ASP A 474 1.10 32.89 25.46
CA ASP A 474 0.37 33.87 24.67
C ASP A 474 -0.32 34.94 25.52
N GLY A 475 0.48 35.66 26.31
CA GLY A 475 -0.07 36.71 27.16
C GLY A 475 -0.57 36.27 28.50
N ASN A 476 -0.98 35.02 28.60
CA ASN A 476 -1.49 34.47 29.84
C ASN A 476 -0.31 33.99 30.71
N VAL A 477 0.32 34.92 31.42
CA VAL A 477 1.45 34.60 32.28
C VAL A 477 0.93 33.73 33.43
N VAL A 478 1.67 32.70 33.79
CA VAL A 478 1.22 31.82 34.86
C VAL A 478 2.36 31.09 35.58
N GLU A 479 2.10 30.69 36.82
CA GLU A 479 3.10 29.97 37.62
C GLU A 479 2.70 28.52 37.77
N LEU A 480 3.65 27.63 37.49
CA LEU A 480 3.42 26.21 37.57
C LEU A 480 4.31 25.54 38.60
N THR A 481 3.73 24.59 39.32
CA THR A 481 4.45 23.87 40.35
C THR A 481 3.88 22.47 40.48
N GLY A 482 4.75 21.53 40.81
CA GLY A 482 4.30 20.15 41.00
C GLY A 482 3.79 19.39 39.80
N ALA A 483 2.62 18.77 39.96
CA ALA A 483 2.01 17.98 38.92
C ALA A 483 1.80 18.72 37.60
N GLU A 484 1.36 19.97 37.67
CA GLU A 484 1.13 20.70 36.43
C GLU A 484 2.40 20.89 35.59
N LEU A 485 3.55 20.59 36.19
CA LEU A 485 4.83 20.72 35.51
C LEU A 485 4.98 19.62 34.45
N PHE A 486 4.18 18.58 34.55
CA PHE A 486 4.25 17.49 33.59
C PHE A 486 3.24 17.66 32.44
N ASN A 487 2.73 18.87 32.29
CA ASN A 487 1.77 19.18 31.25
C ASN A 487 2.48 19.86 30.07
N LEU A 488 3.80 19.97 30.13
CA LEU A 488 4.52 20.63 29.04
C LEU A 488 5.90 20.08 28.71
N GLN A 489 6.30 20.29 27.46
CA GLN A 489 7.59 19.82 26.99
C GLN A 489 8.30 20.96 26.29
N LEU A 490 9.59 20.80 26.01
CA LEU A 490 10.32 21.84 25.29
C LEU A 490 9.68 21.90 23.91
N GLY A 491 9.67 23.08 23.30
CA GLY A 491 9.04 23.21 22.00
C GLY A 491 9.94 23.56 20.83
N TYR A 492 11.18 23.11 20.85
CA TYR A 492 12.12 23.40 19.77
C TYR A 492 11.89 22.44 18.61
N ALA A 493 11.59 21.19 18.96
CA ALA A 493 11.35 20.12 17.99
C ALA A 493 9.91 19.66 18.13
N LEU A 494 9.36 19.15 17.05
CA LEU A 494 7.98 18.72 17.08
C LEU A 494 7.82 17.50 16.19
N THR A 495 6.87 16.64 16.50
CA THR A 495 6.60 15.47 15.70
C THR A 495 5.74 15.87 14.49
N VAL A 496 5.85 15.13 13.40
CA VAL A 496 5.07 15.43 12.21
C VAL A 496 3.57 15.39 12.50
N HIS A 497 3.14 14.42 13.31
CA HIS A 497 1.73 14.28 13.65
C HIS A 497 1.10 15.53 14.26
N ARG A 498 1.82 16.19 15.15
CA ARG A 498 1.28 17.39 15.76
C ARG A 498 1.63 18.63 14.95
N ALA A 499 2.38 18.43 13.86
CA ALA A 499 2.74 19.53 12.97
C ALA A 499 1.64 19.74 11.92
N GLN A 500 0.89 18.68 11.65
CA GLN A 500 -0.18 18.76 10.67
C GLN A 500 -1.12 19.89 11.04
N GLY A 501 -1.34 20.82 10.11
CA GLY A 501 -2.21 21.96 10.38
C GLY A 501 -1.42 23.25 10.56
N SER A 502 -0.12 23.13 10.77
CA SER A 502 0.75 24.29 10.96
C SER A 502 1.64 24.46 9.75
N GLU A 503 2.23 25.64 9.64
CA GLU A 503 3.14 25.94 8.55
C GLU A 503 4.21 26.87 9.09
N TRP A 504 5.36 26.88 8.45
CA TRP A 504 6.46 27.74 8.86
C TRP A 504 7.19 28.13 7.58
N GLY A 505 7.93 29.24 7.64
CA GLY A 505 8.67 29.69 6.48
C GLY A 505 9.67 28.65 6.03
N THR A 506 10.54 28.22 6.95
CA THR A 506 11.51 27.20 6.63
C THR A 506 11.40 26.07 7.65
N VAL A 507 11.36 24.85 7.14
CA VAL A 507 11.21 23.66 7.96
C VAL A 507 12.42 22.77 7.80
N LEU A 508 12.82 22.11 8.89
CA LEU A 508 13.95 21.20 8.86
C LEU A 508 13.42 19.88 9.36
N GLY A 509 13.18 18.96 8.44
CA GLY A 509 12.65 17.67 8.84
C GLY A 509 13.72 16.62 8.94
N VAL A 510 13.85 16.00 10.11
CA VAL A 510 14.84 14.96 10.30
C VAL A 510 14.20 13.63 9.93
N LEU A 511 14.69 13.01 8.86
CA LEU A 511 14.16 11.72 8.41
C LEU A 511 15.34 10.79 8.15
N HIS A 512 15.31 9.61 8.77
CA HIS A 512 16.40 8.66 8.62
C HIS A 512 15.94 7.22 8.91
N GLU A 513 16.75 6.23 8.52
CA GLU A 513 16.42 4.84 8.76
C GLU A 513 16.13 4.53 10.22
N ALA A 514 16.58 5.39 11.12
CA ALA A 514 16.32 5.17 12.55
C ALA A 514 14.84 5.40 12.81
N HIS A 515 14.13 5.91 11.80
CA HIS A 515 12.70 6.17 11.92
C HIS A 515 11.87 5.08 11.19
N MET A 516 12.55 4.03 10.71
CA MET A 516 11.90 2.95 9.95
C MET A 516 10.39 2.70 10.11
N PRO A 517 9.91 2.48 11.35
CA PRO A 517 8.48 2.22 11.50
C PRO A 517 7.56 3.35 11.06
N MET A 518 8.09 4.57 11.03
CA MET A 518 7.29 5.73 10.66
C MET A 518 7.57 6.24 9.24
N LEU A 519 8.29 5.48 8.43
CA LEU A 519 8.58 5.93 7.08
C LEU A 519 7.47 5.62 6.09
N SER A 520 6.40 6.42 6.12
CA SER A 520 5.29 6.22 5.19
C SER A 520 5.16 7.43 4.28
N ARG A 521 4.54 7.23 3.13
CA ARG A 521 4.36 8.30 2.16
C ARG A 521 3.62 9.52 2.73
N ASN A 522 2.48 9.30 3.38
CA ASN A 522 1.72 10.43 3.91
C ASN A 522 2.51 11.24 4.93
N LEU A 523 3.26 10.54 5.76
CA LEU A 523 4.07 11.18 6.80
C LEU A 523 5.00 12.21 6.16
N VAL A 524 5.82 11.77 5.20
CA VAL A 524 6.77 12.67 4.54
C VAL A 524 6.09 13.73 3.68
N TYR A 525 4.98 13.38 3.07
CA TYR A 525 4.24 14.33 2.25
C TYR A 525 3.77 15.46 3.16
N THR A 526 3.32 15.07 4.35
CA THR A 526 2.84 16.00 5.35
C THR A 526 3.97 16.85 5.89
N ALA A 527 5.11 16.24 6.19
CA ALA A 527 6.25 16.98 6.71
C ALA A 527 6.74 17.99 5.68
N LEU A 528 6.99 17.53 4.45
CA LEU A 528 7.46 18.39 3.37
C LEU A 528 6.56 19.60 3.10
N THR A 529 5.26 19.39 3.11
CA THR A 529 4.32 20.46 2.83
C THR A 529 4.03 21.44 3.97
N ARG A 530 4.75 21.32 5.09
CA ARG A 530 4.55 22.25 6.21
C ARG A 530 5.31 23.54 5.90
N ALA A 531 6.19 23.47 4.91
CA ALA A 531 7.04 24.58 4.53
C ALA A 531 6.47 25.57 3.53
N ARG A 532 6.65 26.84 3.82
CA ARG A 532 6.19 27.92 2.96
C ARG A 532 7.28 28.32 1.95
N ASP A 533 8.52 28.47 2.44
CA ASP A 533 9.61 28.89 1.57
C ASP A 533 10.70 27.88 1.33
N ARG A 534 11.27 27.34 2.41
CA ARG A 534 12.35 26.37 2.29
C ARG A 534 12.15 25.16 3.17
N PHE A 535 12.50 23.99 2.63
CA PHE A 535 12.41 22.79 3.41
C PHE A 535 13.73 22.07 3.35
N PHE A 536 14.47 22.07 4.45
CA PHE A 536 15.75 21.38 4.51
C PHE A 536 15.55 20.07 5.25
N SER A 537 16.24 19.02 4.82
CA SER A 537 16.10 17.74 5.47
C SER A 537 17.44 17.30 6.05
N ALA A 538 17.38 16.59 7.16
CA ALA A 538 18.58 16.08 7.79
C ALA A 538 18.36 14.61 8.09
N GLY A 539 19.19 13.77 7.48
CA GLY A 539 19.09 12.34 7.67
C GLY A 539 19.74 11.64 6.49
N SER A 540 18.93 10.92 5.71
CA SER A 540 19.47 10.22 4.55
C SER A 540 18.48 10.36 3.41
N ALA A 541 19.00 10.36 2.19
CA ALA A 541 18.16 10.47 1.02
C ALA A 541 17.42 9.14 0.84
N SER A 542 18.06 8.06 1.28
CA SER A 542 17.45 6.74 1.15
C SER A 542 16.17 6.65 2.00
N ALA A 543 16.20 7.28 3.17
CA ALA A 543 15.03 7.27 4.06
C ALA A 543 13.82 7.81 3.28
N TRP A 544 14.02 8.89 2.53
CA TRP A 544 12.94 9.44 1.74
C TRP A 544 12.50 8.48 0.63
N GLN A 545 13.45 7.84 -0.06
CA GLN A 545 13.11 6.88 -1.11
C GLN A 545 12.21 5.83 -0.48
N ILE A 546 12.63 5.31 0.68
CA ILE A 546 11.88 4.29 1.39
C ILE A 546 10.47 4.78 1.72
N ALA A 547 10.40 5.97 2.30
CA ALA A 547 9.14 6.58 2.70
C ALA A 547 8.19 6.81 1.53
N ALA A 548 8.72 7.37 0.45
CA ALA A 548 7.91 7.62 -0.73
C ALA A 548 7.31 6.34 -1.32
N ALA A 549 8.11 5.28 -1.35
CA ALA A 549 7.64 4.01 -1.92
C ALA A 549 6.66 3.25 -1.02
N ARG A 550 6.66 3.57 0.27
CA ARG A 550 5.75 2.88 1.18
C ARG A 550 4.45 3.59 1.47
N GLN A 551 3.38 3.12 0.85
CA GLN A 551 2.06 3.69 1.07
C GLN A 551 1.37 2.70 2.01
N ARG A 552 1.07 3.12 3.23
CA ARG A 552 0.41 2.23 4.19
C ARG A 552 -0.80 1.61 3.50
N GLU A 553 -1.05 0.33 3.77
CA GLU A 553 -2.16 -0.36 3.13
C GLU A 553 -3.52 0.24 3.41
N ALA A 554 -4.39 0.17 2.40
CA ALA A 554 -5.73 0.70 2.51
C ALA A 554 -6.42 0.06 3.70
N ARG A 555 -7.29 0.82 4.36
CA ARG A 555 -7.98 0.34 5.54
C ARG A 555 -9.32 -0.29 5.20
N ASN A 556 -9.52 -1.53 5.65
CA ASN A 556 -10.77 -2.19 5.37
C ASN A 556 -11.88 -1.37 6.02
N THR A 557 -12.81 -0.90 5.18
CA THR A 557 -13.93 -0.09 5.63
C THR A 557 -15.12 -0.29 4.71
N ALA A 558 -16.30 -0.42 5.30
CA ALA A 558 -17.52 -0.60 4.53
C ALA A 558 -18.44 0.59 4.75
N LEU A 559 -17.87 1.66 5.30
CA LEU A 559 -18.63 2.88 5.57
C LEU A 559 -19.27 3.46 4.29
N LEU A 560 -18.48 3.63 3.24
CA LEU A 560 -18.97 4.16 1.98
C LEU A 560 -20.10 3.29 1.44
N GLU A 561 -19.90 1.97 1.46
CA GLU A 561 -20.91 1.03 0.98
C GLU A 561 -22.22 1.18 1.73
N ARG A 562 -22.13 1.30 3.06
CA ARG A 562 -23.31 1.45 3.89
C ARG A 562 -24.02 2.77 3.64
N ILE A 563 -23.26 3.84 3.43
CA ILE A 563 -23.87 5.14 3.17
C ILE A 563 -24.68 5.12 1.87
N ARG A 564 -24.08 4.55 0.83
CA ARG A 564 -24.69 4.47 -0.48
C ARG A 564 -25.79 3.43 -0.62
N ALA A 565 -25.54 2.23 -0.12
CA ALA A 565 -26.53 1.16 -0.22
C ALA A 565 -27.79 1.55 0.55
N ALA B 35 -1.87 11.23 -44.06
CA ALA B 35 -1.48 10.96 -42.64
C ALA B 35 -0.97 12.20 -41.91
N LEU B 36 0.17 12.74 -42.35
CA LEU B 36 0.75 13.91 -41.69
C LEU B 36 -0.13 15.15 -41.69
N ASP B 37 -1.37 15.01 -42.15
CA ASP B 37 -2.33 16.11 -42.14
C ASP B 37 -2.68 16.16 -40.66
N ARG B 38 -2.78 14.96 -40.09
CA ARG B 38 -3.10 14.75 -38.69
C ARG B 38 -1.95 15.25 -37.84
N LEU B 39 -0.73 15.03 -38.35
CA LEU B 39 0.48 15.41 -37.66
C LEU B 39 0.84 16.89 -37.73
N GLU B 40 0.35 17.60 -38.74
CA GLU B 40 0.63 19.03 -38.86
C GLU B 40 -0.35 19.79 -37.99
N LYS B 41 -1.53 19.22 -37.81
CA LYS B 41 -2.56 19.82 -36.97
C LYS B 41 -2.16 19.60 -35.50
N ASP B 42 -1.71 18.40 -35.18
CA ASP B 42 -1.29 18.05 -33.83
C ASP B 42 -0.08 17.12 -33.88
N LEU B 43 1.06 17.57 -33.35
CA LEU B 43 2.26 16.75 -33.36
C LEU B 43 2.16 15.62 -32.35
N PHE B 44 1.54 15.91 -31.21
CA PHE B 44 1.38 14.91 -30.17
C PHE B 44 0.32 13.88 -30.53
N THR B 45 0.36 13.39 -31.76
CA THR B 45 -0.57 12.40 -32.25
C THR B 45 0.08 11.03 -32.06
N LEU B 46 1.36 11.04 -31.74
CA LEU B 46 2.13 9.82 -31.54
C LEU B 46 2.12 9.40 -30.07
N THR B 47 1.62 10.28 -29.20
CA THR B 47 1.54 10.00 -27.77
C THR B 47 0.95 8.62 -27.48
N GLU B 48 0.09 8.16 -28.38
CA GLU B 48 -0.53 6.86 -28.23
C GLU B 48 -0.43 6.10 -29.55
N VAL B 49 0.73 6.21 -30.19
CA VAL B 49 0.98 5.53 -31.46
C VAL B 49 2.09 4.51 -31.28
N GLU B 50 2.04 3.45 -32.09
CA GLU B 50 3.02 2.37 -32.06
C GLU B 50 4.45 2.90 -31.91
N GLY B 51 5.28 2.15 -31.20
CA GLY B 51 6.67 2.52 -31.03
C GLY B 51 6.94 3.73 -30.15
N ILE B 52 6.93 4.91 -30.75
CA ILE B 52 7.19 6.15 -30.02
C ILE B 52 6.05 6.52 -29.09
N GLY B 53 6.38 7.27 -28.03
CA GLY B 53 5.37 7.68 -27.07
C GLY B 53 5.42 9.17 -26.81
N PHE B 54 4.64 9.61 -25.83
CA PHE B 54 4.58 11.02 -25.46
C PHE B 54 5.95 11.65 -25.22
N LEU B 55 6.73 11.03 -24.35
CA LEU B 55 8.05 11.52 -23.98
C LEU B 55 8.91 11.93 -25.17
N THR B 56 8.95 11.10 -26.21
CA THR B 56 9.75 11.40 -27.40
C THR B 56 9.14 12.55 -28.19
N ALA B 57 7.84 12.48 -28.43
CA ALA B 57 7.14 13.52 -29.18
C ALA B 57 7.18 14.84 -28.43
N ASP B 58 7.51 14.78 -27.14
CA ASP B 58 7.58 15.99 -26.33
C ASP B 58 8.87 16.73 -26.58
N LYS B 59 9.98 16.00 -26.60
CA LYS B 59 11.28 16.62 -26.85
C LYS B 59 11.39 17.05 -28.31
N LEU B 60 10.72 16.32 -29.20
CA LEU B 60 10.72 16.63 -30.63
C LEU B 60 9.81 17.84 -30.84
N TRP B 61 9.08 18.19 -29.79
CA TRP B 61 8.15 19.31 -29.82
C TRP B 61 8.79 20.55 -29.19
N GLN B 62 9.70 20.34 -28.26
CA GLN B 62 10.38 21.44 -27.60
C GLN B 62 11.60 21.85 -28.40
N ALA B 63 12.26 20.87 -29.02
CA ALA B 63 13.46 21.14 -29.81
C ALA B 63 13.08 21.84 -31.11
N ARG B 64 11.80 21.81 -31.45
CA ARG B 64 11.29 22.43 -32.65
C ARG B 64 10.23 23.46 -32.27
N GLY B 65 10.58 24.31 -31.31
CA GLY B 65 9.64 25.32 -30.83
C GLY B 65 8.82 24.68 -29.73
N GLY B 66 7.49 24.74 -29.86
CA GLY B 66 6.62 24.13 -28.87
C GLY B 66 6.45 24.80 -27.53
N ALA B 67 5.21 25.15 -27.22
CA ALA B 67 4.89 25.80 -25.94
C ALA B 67 4.45 24.76 -24.91
N LEU B 68 5.25 24.62 -23.86
CA LEU B 68 4.95 23.67 -22.80
C LEU B 68 3.53 23.79 -22.26
N ASP B 69 2.89 24.93 -22.52
CA ASP B 69 1.52 25.15 -22.05
C ASP B 69 0.49 24.86 -23.12
N ASP B 70 0.95 24.69 -24.36
CA ASP B 70 0.07 24.40 -25.48
C ASP B 70 -0.90 23.26 -25.19
N PRO B 71 -2.21 23.52 -25.31
CA PRO B 71 -3.25 22.51 -25.06
C PRO B 71 -3.06 21.17 -25.76
N ARG B 72 -2.42 21.15 -26.94
CA ARG B 72 -2.21 19.89 -27.63
C ARG B 72 -1.22 19.03 -26.85
N ARG B 73 -0.29 19.67 -26.14
CA ARG B 73 0.69 18.93 -25.35
C ARG B 73 0.06 18.42 -24.06
N LEU B 74 -0.81 19.25 -23.48
CA LEU B 74 -1.51 18.91 -22.25
C LEU B 74 -2.40 17.70 -22.41
N THR B 75 -3.28 17.73 -23.41
CA THR B 75 -4.19 16.62 -23.65
C THR B 75 -3.39 15.34 -23.81
N ALA B 76 -2.25 15.44 -24.49
CA ALA B 76 -1.39 14.28 -24.68
C ALA B 76 -0.79 13.88 -23.33
N ALA B 77 -0.40 14.90 -22.56
CA ALA B 77 0.19 14.68 -21.24
C ALA B 77 -0.77 13.93 -20.33
N ALA B 78 -2.07 14.16 -20.50
CA ALA B 78 -3.06 13.48 -19.68
C ALA B 78 -3.10 11.98 -20.04
N VAL B 79 -3.08 11.69 -21.34
CA VAL B 79 -3.09 10.31 -21.82
C VAL B 79 -1.86 9.60 -21.26
N TYR B 80 -0.72 10.27 -21.32
CA TYR B 80 0.55 9.74 -20.83
C TYR B 80 0.47 9.45 -19.34
N ALA B 81 -0.29 10.27 -18.63
CA ALA B 81 -0.45 10.11 -17.19
C ALA B 81 -1.14 8.78 -16.88
N LEU B 82 -2.22 8.49 -17.63
CA LEU B 82 -2.95 7.24 -17.44
C LEU B 82 -2.11 6.06 -17.88
N GLN B 83 -1.47 6.16 -19.04
CA GLN B 83 -0.65 5.08 -19.52
C GLN B 83 0.34 4.74 -18.43
N LEU B 84 0.99 5.77 -17.89
CA LEU B 84 1.96 5.60 -16.82
C LEU B 84 1.32 5.02 -15.57
N ALA B 85 0.06 5.35 -15.32
CA ALA B 85 -0.64 4.83 -14.16
C ALA B 85 -0.72 3.30 -14.24
N GLY B 86 -0.92 2.78 -15.46
CA GLY B 86 -1.01 1.34 -15.62
C GLY B 86 0.37 0.68 -15.66
N THR B 87 1.31 1.36 -16.30
CA THR B 87 2.67 0.88 -16.44
C THR B 87 3.46 0.80 -15.14
N GLN B 88 3.32 1.83 -14.30
CA GLN B 88 4.05 1.89 -13.05
C GLN B 88 3.31 1.35 -11.83
N ALA B 89 2.00 1.56 -11.75
CA ALA B 89 1.24 1.08 -10.60
C ALA B 89 0.23 -0.01 -10.95
N GLY B 90 -0.02 -0.21 -12.24
CA GLY B 90 -0.96 -1.24 -12.64
C GLY B 90 -2.43 -0.89 -12.49
N HIS B 91 -2.70 0.41 -12.42
CA HIS B 91 -4.07 0.89 -12.28
C HIS B 91 -4.77 0.80 -13.62
N SER B 92 -6.04 0.40 -13.61
CA SER B 92 -6.83 0.32 -14.84
C SER B 92 -7.46 1.69 -15.10
N PHE B 93 -7.53 2.52 -14.05
CA PHE B 93 -8.09 3.85 -14.15
C PHE B 93 -7.58 4.75 -13.04
N LEU B 94 -7.87 6.04 -13.16
CA LEU B 94 -7.47 7.02 -12.16
C LEU B 94 -8.61 7.99 -11.88
N PRO B 95 -8.88 8.28 -10.59
CA PRO B 95 -9.97 9.20 -10.29
C PRO B 95 -9.55 10.52 -10.94
N ARG B 96 -10.50 11.27 -11.48
CA ARG B 96 -10.17 12.53 -12.14
C ARG B 96 -9.10 13.32 -11.41
N SER B 97 -9.21 13.38 -10.08
CA SER B 97 -8.22 14.09 -9.26
C SER B 97 -6.81 13.56 -9.47
N ARG B 98 -6.60 12.29 -9.11
CA ARG B 98 -5.29 11.65 -9.22
C ARG B 98 -4.70 11.78 -10.62
N ALA B 99 -5.55 11.90 -11.63
CA ALA B 99 -5.07 12.05 -13.00
C ALA B 99 -4.50 13.45 -13.19
N GLU B 100 -5.28 14.45 -12.80
CA GLU B 100 -4.83 15.83 -12.90
C GLU B 100 -3.53 15.98 -12.11
N LYS B 101 -3.46 15.29 -10.99
CA LYS B 101 -2.27 15.33 -10.14
C LYS B 101 -1.12 14.63 -10.83
N GLY B 102 -1.41 13.52 -11.48
CA GLY B 102 -0.37 12.78 -12.18
C GLY B 102 0.19 13.59 -13.34
N VAL B 103 -0.64 14.44 -13.92
CA VAL B 103 -0.20 15.27 -15.04
C VAL B 103 0.85 16.27 -14.54
N VAL B 104 0.59 16.85 -13.36
CA VAL B 104 1.49 17.82 -12.77
C VAL B 104 2.86 17.23 -12.43
N HIS B 105 2.89 15.95 -12.10
CA HIS B 105 4.15 15.29 -11.76
C HIS B 105 4.92 14.79 -13.00
N TYR B 106 4.19 14.35 -14.02
CA TYR B 106 4.82 13.85 -15.25
C TYR B 106 4.89 14.92 -16.33
N THR B 107 4.61 16.16 -15.94
CA THR B 107 4.67 17.31 -16.82
C THR B 107 5.11 18.42 -15.88
N ARG B 108 4.32 19.49 -15.75
CA ARG B 108 4.71 20.55 -14.83
C ARG B 108 3.83 21.80 -14.85
N VAL B 109 2.75 21.78 -15.62
CA VAL B 109 1.89 22.95 -15.68
C VAL B 109 1.20 23.31 -14.37
N THR B 110 0.25 24.24 -14.47
CA THR B 110 -0.50 24.71 -13.31
C THR B 110 -1.72 23.88 -12.96
N PRO B 111 -1.84 23.45 -11.69
CA PRO B 111 -2.97 22.64 -11.22
C PRO B 111 -4.27 23.42 -11.43
N GLY B 112 -4.66 23.54 -12.68
CA GLY B 112 -5.85 24.25 -13.07
C GLY B 112 -5.87 24.07 -14.57
N GLN B 113 -4.67 24.01 -15.13
CA GLN B 113 -4.46 23.80 -16.55
C GLN B 113 -4.63 22.29 -16.76
N ALA B 114 -4.23 21.53 -15.74
CA ALA B 114 -4.34 20.08 -15.77
C ALA B 114 -5.79 19.67 -15.99
N ARG B 115 -6.70 20.33 -15.28
CA ARG B 115 -8.12 20.05 -15.43
C ARG B 115 -8.52 20.21 -16.89
N LEU B 116 -7.96 21.22 -17.53
CA LEU B 116 -8.26 21.48 -18.93
C LEU B 116 -7.63 20.39 -19.79
N ALA B 117 -6.47 19.91 -19.35
CA ALA B 117 -5.75 18.85 -20.05
C ALA B 117 -6.60 17.59 -20.01
N VAL B 118 -6.97 17.18 -18.80
CA VAL B 118 -7.81 15.99 -18.64
C VAL B 118 -9.15 16.17 -19.37
N GLU B 119 -9.82 17.30 -19.13
CA GLU B 119 -11.10 17.57 -19.77
C GLU B 119 -11.04 17.56 -21.30
N THR B 120 -10.03 18.22 -21.85
CA THR B 120 -9.87 18.26 -23.30
C THR B 120 -9.73 16.84 -23.83
N ALA B 121 -8.84 16.08 -23.18
CA ALA B 121 -8.58 14.70 -23.54
C ALA B 121 -9.85 13.87 -23.41
N VAL B 122 -10.66 14.19 -22.41
CA VAL B 122 -11.91 13.47 -22.21
C VAL B 122 -12.83 13.67 -23.40
N GLU B 123 -13.21 14.92 -23.69
CA GLU B 123 -14.11 15.17 -24.81
C GLU B 123 -13.49 14.91 -26.17
N LEU B 124 -12.17 15.00 -26.29
CA LEU B 124 -11.55 14.72 -27.57
C LEU B 124 -11.62 13.22 -27.83
N GLY B 125 -12.06 12.47 -26.80
CA GLY B 125 -12.17 11.04 -26.94
C GLY B 125 -10.83 10.34 -26.76
N ARG B 126 -9.87 11.06 -26.17
CA ARG B 126 -8.54 10.50 -25.93
C ARG B 126 -8.49 9.83 -24.56
N LEU B 127 -9.55 10.04 -23.79
CA LEU B 127 -9.70 9.46 -22.45
C LEU B 127 -11.20 9.30 -22.18
N SER B 128 -11.56 8.21 -21.51
CA SER B 128 -12.95 7.97 -21.19
C SER B 128 -13.22 8.20 -19.71
N GLU B 129 -14.47 8.52 -19.37
CA GLU B 129 -14.84 8.75 -17.98
C GLU B 129 -15.98 7.80 -17.58
N ASP B 130 -15.73 6.97 -16.57
CA ASP B 130 -16.71 6.00 -16.07
C ASP B 130 -17.08 4.95 -17.11
N GLU B 144 -16.04 12.80 -8.88
CA GLU B 144 -14.66 12.44 -9.18
C GLU B 144 -14.64 11.19 -10.05
N GLY B 145 -15.23 11.31 -11.24
CA GLY B 145 -15.30 10.20 -12.16
C GLY B 145 -14.02 9.43 -12.31
N ARG B 146 -14.14 8.20 -12.81
CA ARG B 146 -12.98 7.36 -13.01
C ARG B 146 -12.61 7.48 -14.47
N ILE B 147 -11.38 7.88 -14.76
CA ILE B 147 -10.99 8.01 -16.16
C ILE B 147 -10.05 6.87 -16.59
N TYR B 148 -10.22 6.42 -17.82
CA TYR B 148 -9.44 5.32 -18.37
C TYR B 148 -8.91 5.67 -19.75
N LEU B 149 -7.97 4.85 -20.22
CA LEU B 149 -7.50 5.00 -21.58
C LEU B 149 -8.69 4.36 -22.27
N PRO B 150 -9.24 4.99 -23.31
CA PRO B 150 -10.39 4.42 -23.99
C PRO B 150 -10.45 2.89 -24.13
N HIS B 151 -9.44 2.27 -24.73
CA HIS B 151 -9.49 0.83 -24.91
C HIS B 151 -9.51 0.02 -23.62
N VAL B 152 -8.90 0.57 -22.56
CA VAL B 152 -8.86 -0.16 -21.30
C VAL B 152 -10.25 -0.27 -20.68
N LEU B 153 -11.08 0.75 -20.86
CA LEU B 153 -12.44 0.69 -20.31
C LEU B 153 -13.20 -0.42 -21.05
N ARG B 154 -13.08 -0.41 -22.38
CA ARG B 154 -13.74 -1.43 -23.20
C ARG B 154 -13.24 -2.82 -22.80
N ALA B 155 -11.93 -2.91 -22.58
CA ALA B 155 -11.32 -4.16 -22.19
C ALA B 155 -11.91 -4.67 -20.88
N GLU B 156 -11.93 -3.82 -19.88
CA GLU B 156 -12.46 -4.20 -18.58
C GLU B 156 -13.94 -4.56 -18.68
N LYS B 157 -14.67 -3.86 -19.54
CA LYS B 157 -16.08 -4.17 -19.69
C LYS B 157 -16.30 -5.50 -20.39
N LYS B 158 -15.50 -5.80 -21.42
CA LYS B 158 -15.67 -7.07 -22.11
C LYS B 158 -15.21 -8.24 -21.24
N LEU B 159 -14.20 -8.00 -20.41
CA LEU B 159 -13.67 -9.03 -19.54
C LEU B 159 -14.76 -9.47 -18.54
N ALA B 160 -15.33 -8.51 -17.82
CA ALA B 160 -16.38 -8.79 -16.85
C ALA B 160 -17.53 -9.52 -17.54
N SER B 161 -17.78 -9.14 -18.80
CA SER B 161 -18.84 -9.76 -19.58
C SER B 161 -18.52 -11.23 -19.83
N LEU B 162 -17.29 -11.51 -20.25
CA LEU B 162 -16.88 -12.87 -20.53
C LEU B 162 -16.98 -13.72 -19.26
N ILE B 163 -16.48 -13.18 -18.15
CA ILE B 163 -16.52 -13.89 -16.89
C ILE B 163 -17.97 -14.14 -16.51
N ARG B 164 -18.82 -13.15 -16.76
CA ARG B 164 -20.23 -13.28 -16.47
C ARG B 164 -20.85 -14.49 -17.14
N THR B 165 -20.71 -14.58 -18.46
CA THR B 165 -21.30 -15.71 -19.16
C THR B 165 -20.64 -17.02 -18.74
N LEU B 166 -19.35 -16.97 -18.40
CA LEU B 166 -18.65 -18.17 -17.96
C LEU B 166 -19.22 -18.69 -16.63
N LEU B 167 -19.63 -17.76 -15.77
CA LEU B 167 -20.17 -18.11 -14.48
C LEU B 167 -21.63 -18.54 -14.52
N ALA B 168 -22.32 -18.17 -15.59
CA ALA B 168 -23.74 -18.51 -15.68
C ALA B 168 -24.09 -19.60 -16.68
N THR B 169 -23.11 -20.05 -17.46
CA THR B 169 -23.38 -21.09 -18.43
C THR B 169 -22.80 -22.44 -18.01
N PRO B 170 -23.51 -23.53 -18.32
CA PRO B 170 -23.07 -24.89 -17.97
C PRO B 170 -22.05 -25.45 -18.95
N PRO B 171 -21.08 -26.23 -18.44
CA PRO B 171 -20.07 -26.82 -19.32
C PRO B 171 -20.75 -27.80 -20.26
N ALA B 172 -20.33 -27.85 -21.51
CA ALA B 172 -20.95 -28.76 -22.47
C ALA B 172 -20.28 -28.76 -23.83
N ASP B 173 -20.82 -29.57 -24.74
CA ASP B 173 -20.30 -29.68 -26.10
C ASP B 173 -21.46 -29.76 -27.09
N GLY B 176 -25.33 -29.45 -25.22
CA GLY B 176 -25.64 -30.02 -23.92
C GLY B 176 -24.99 -31.38 -23.78
N ASN B 177 -23.67 -31.36 -23.64
CA ASN B 177 -22.88 -32.59 -23.50
C ASN B 177 -21.97 -32.50 -22.28
N ASP B 178 -22.32 -33.15 -21.18
CA ASP B 178 -21.48 -33.11 -19.98
C ASP B 178 -21.54 -34.33 -19.06
N ASP B 179 -20.50 -35.17 -19.12
CA ASP B 179 -20.44 -36.37 -18.28
C ASP B 179 -19.39 -36.28 -17.18
N TRP B 180 -19.14 -35.08 -16.66
CA TRP B 180 -18.13 -34.94 -15.61
C TRP B 180 -18.58 -35.73 -14.38
N ALA B 181 -17.77 -36.70 -13.99
CA ALA B 181 -18.05 -37.54 -12.83
C ALA B 181 -16.70 -37.90 -12.21
N VAL B 182 -16.62 -37.84 -10.89
CA VAL B 182 -15.38 -38.13 -10.20
C VAL B 182 -15.24 -39.55 -9.62
N PRO B 183 -14.48 -40.42 -10.30
CA PRO B 183 -14.26 -41.80 -9.86
C PRO B 183 -13.40 -41.74 -8.61
N LYS B 184 -13.53 -42.71 -7.71
CA LYS B 184 -12.75 -42.68 -6.49
C LYS B 184 -11.26 -42.68 -6.75
N LYS B 185 -10.81 -43.51 -7.68
CA LYS B 185 -9.38 -43.57 -8.01
C LYS B 185 -8.84 -42.18 -8.32
N ALA B 186 -9.72 -41.31 -8.84
CA ALA B 186 -9.35 -39.95 -9.21
C ALA B 186 -8.92 -39.06 -8.06
N ARG B 187 -9.39 -39.31 -6.85
CA ARG B 187 -8.98 -38.47 -5.74
C ARG B 187 -7.90 -39.11 -4.88
N LYS B 188 -7.19 -40.06 -5.48
CA LYS B 188 -6.13 -40.76 -4.77
C LYS B 188 -4.90 -39.88 -4.61
N GLY B 189 -4.48 -39.70 -3.37
CA GLY B 189 -3.31 -38.88 -3.09
C GLY B 189 -3.66 -37.44 -2.76
N LEU B 190 -4.84 -37.01 -3.17
CA LEU B 190 -5.28 -35.65 -2.91
C LEU B 190 -5.82 -35.52 -1.50
N SER B 191 -5.86 -34.30 -1.00
CA SER B 191 -6.39 -34.03 0.34
C SER B 191 -7.88 -33.80 0.11
N GLU B 192 -8.63 -33.59 1.18
CA GLU B 192 -10.05 -33.37 1.05
C GLU B 192 -10.27 -32.11 0.21
N GLU B 193 -9.61 -31.02 0.60
CA GLU B 193 -9.73 -29.76 -0.11
C GLU B 193 -9.31 -29.88 -1.57
N GLN B 194 -8.14 -30.48 -1.80
CA GLN B 194 -7.64 -30.65 -3.17
C GLN B 194 -8.61 -31.43 -4.03
N ALA B 195 -9.16 -32.51 -3.49
CA ALA B 195 -10.10 -33.34 -4.22
C ALA B 195 -11.39 -32.59 -4.54
N SER B 196 -11.78 -31.68 -3.65
CA SER B 196 -12.99 -30.92 -3.89
C SER B 196 -12.95 -30.19 -5.24
N VAL B 197 -11.76 -29.83 -5.71
CA VAL B 197 -11.67 -29.14 -6.99
C VAL B 197 -12.27 -30.00 -8.10
N LEU B 198 -12.00 -31.31 -8.04
CA LEU B 198 -12.54 -32.26 -9.02
C LEU B 198 -14.06 -32.21 -9.06
N ASP B 199 -14.67 -32.04 -7.90
CA ASP B 199 -16.12 -31.99 -7.81
C ASP B 199 -16.63 -30.65 -8.28
N GLN B 200 -15.87 -29.60 -7.99
CA GLN B 200 -16.27 -28.27 -8.38
C GLN B 200 -16.33 -28.05 -9.88
N LEU B 201 -15.41 -28.68 -10.61
CA LEU B 201 -15.38 -28.53 -12.07
C LEU B 201 -16.62 -29.09 -12.75
N ALA B 202 -17.39 -29.87 -11.98
CA ALA B 202 -18.62 -30.47 -12.47
C ALA B 202 -19.72 -29.45 -12.24
N GLY B 203 -20.35 -28.99 -13.30
CA GLY B 203 -21.40 -28.01 -13.15
C GLY B 203 -20.90 -26.57 -13.19
N HIS B 204 -19.60 -26.38 -13.38
CA HIS B 204 -19.05 -25.04 -13.44
C HIS B 204 -17.99 -24.91 -14.52
N ARG B 205 -18.06 -23.84 -15.31
CA ARG B 205 -17.09 -23.63 -16.36
C ARG B 205 -15.86 -22.87 -15.87
N LEU B 206 -16.04 -22.05 -14.86
CA LEU B 206 -14.93 -21.26 -14.33
C LEU B 206 -14.70 -21.54 -12.85
N VAL B 207 -13.55 -22.13 -12.54
CA VAL B 207 -13.21 -22.45 -11.17
C VAL B 207 -11.83 -21.90 -10.80
N VAL B 208 -11.73 -21.27 -9.63
CA VAL B 208 -10.46 -20.73 -9.15
C VAL B 208 -9.94 -21.62 -8.02
N LEU B 209 -8.62 -21.84 -7.98
CA LEU B 209 -7.96 -22.65 -6.97
C LEU B 209 -6.84 -21.80 -6.35
N THR B 210 -7.06 -21.28 -5.15
CA THR B 210 -6.02 -20.49 -4.49
C THR B 210 -5.55 -21.20 -3.23
N GLY B 211 -4.68 -20.53 -2.49
CA GLY B 211 -4.11 -21.07 -1.28
C GLY B 211 -2.69 -20.56 -1.31
N GLY B 212 -2.11 -20.38 -0.14
CA GLY B 212 -0.74 -19.87 -0.06
C GLY B 212 0.25 -20.78 -0.75
N PRO B 213 1.52 -20.35 -0.82
CA PRO B 213 2.53 -21.16 -1.47
C PRO B 213 2.71 -22.49 -0.76
N GLY B 214 3.03 -23.53 -1.52
CA GLY B 214 3.28 -24.85 -0.96
C GLY B 214 2.09 -25.63 -0.45
N THR B 215 0.88 -25.26 -0.85
CA THR B 215 -0.31 -25.97 -0.40
C THR B 215 -0.75 -27.01 -1.42
N GLY B 216 0.06 -27.19 -2.46
CA GLY B 216 -0.23 -28.18 -3.48
C GLY B 216 -1.29 -27.86 -4.51
N LYS B 217 -1.41 -26.59 -4.88
CA LYS B 217 -2.40 -26.21 -5.89
C LYS B 217 -1.99 -26.78 -7.24
N SER B 218 -0.77 -26.46 -7.68
CA SER B 218 -0.28 -26.96 -8.98
C SER B 218 -0.30 -28.49 -9.06
N THR B 219 -0.04 -29.14 -7.92
CA THR B 219 -0.02 -30.60 -7.85
C THR B 219 -1.42 -31.15 -8.07
N THR B 220 -2.41 -30.45 -7.53
CA THR B 220 -3.80 -30.86 -7.65
C THR B 220 -4.18 -30.92 -9.13
N THR B 221 -3.50 -30.10 -9.92
CA THR B 221 -3.69 -29.96 -11.35
C THR B 221 -3.43 -31.24 -12.15
N LYS B 222 -2.49 -32.07 -11.70
CA LYS B 222 -2.21 -33.32 -12.41
C LYS B 222 -3.44 -34.21 -12.35
N ALA B 223 -4.06 -34.27 -11.17
CA ALA B 223 -5.26 -35.08 -10.98
C ALA B 223 -6.38 -34.53 -11.88
N VAL B 224 -6.61 -33.22 -11.84
CA VAL B 224 -7.65 -32.59 -12.66
C VAL B 224 -7.47 -32.92 -14.14
N ALA B 225 -6.23 -32.87 -14.61
CA ALA B 225 -5.97 -33.17 -16.01
C ALA B 225 -6.17 -34.65 -16.31
N ASP B 226 -5.75 -35.52 -15.39
CA ASP B 226 -5.93 -36.95 -15.58
C ASP B 226 -7.42 -37.26 -15.68
N LEU B 227 -8.22 -36.70 -14.79
CA LEU B 227 -9.66 -36.92 -14.81
C LEU B 227 -10.21 -36.48 -16.16
N ALA B 228 -9.92 -35.24 -16.53
CA ALA B 228 -10.40 -34.68 -17.81
C ALA B 228 -10.08 -35.58 -18.98
N GLU B 229 -8.85 -36.08 -19.06
CA GLU B 229 -8.49 -36.96 -20.15
C GLU B 229 -9.28 -38.26 -20.11
N SER B 230 -9.48 -38.80 -18.91
CA SER B 230 -10.22 -40.06 -18.81
C SER B 230 -11.65 -39.88 -19.31
N LEU B 231 -12.17 -38.65 -19.25
CA LEU B 231 -13.52 -38.37 -19.73
C LEU B 231 -13.44 -38.02 -21.21
N GLY B 232 -12.26 -38.20 -21.80
CA GLY B 232 -12.06 -37.92 -23.22
C GLY B 232 -11.99 -36.45 -23.60
N LEU B 233 -11.71 -35.58 -22.63
CA LEU B 233 -11.62 -34.15 -22.88
C LEU B 233 -10.20 -33.68 -23.21
N GLU B 234 -10.09 -32.73 -24.14
CA GLU B 234 -8.80 -32.18 -24.50
C GLU B 234 -8.40 -31.14 -23.45
N VAL B 235 -7.19 -31.28 -22.90
CA VAL B 235 -6.71 -30.36 -21.88
C VAL B 235 -5.53 -29.46 -22.31
N GLY B 236 -5.67 -28.16 -22.10
CA GLY B 236 -4.59 -27.24 -22.45
C GLY B 236 -3.94 -26.66 -21.19
N LEU B 237 -2.62 -26.74 -21.10
CA LEU B 237 -1.93 -26.23 -19.90
C LEU B 237 -0.97 -25.08 -20.20
N CYS B 238 -1.11 -24.00 -19.43
CA CYS B 238 -0.25 -22.84 -19.62
C CYS B 238 -0.06 -22.03 -18.33
N ALA B 239 0.93 -21.13 -18.38
CA ALA B 239 1.23 -20.24 -17.27
C ALA B 239 1.81 -18.98 -17.91
N PRO B 240 1.81 -17.86 -17.18
CA PRO B 240 2.33 -16.59 -17.70
C PRO B 240 3.80 -16.59 -18.08
N THR B 241 4.67 -17.16 -17.24
CA THR B 241 6.10 -17.18 -17.56
C THR B 241 6.58 -18.51 -18.13
N GLY B 242 7.69 -18.46 -18.86
CA GLY B 242 8.24 -19.68 -19.44
C GLY B 242 8.56 -20.75 -18.43
N LYS B 243 9.32 -20.40 -17.38
CA LYS B 243 9.68 -21.37 -16.33
C LYS B 243 8.48 -21.90 -15.57
N ALA B 244 7.50 -21.05 -15.33
CA ALA B 244 6.33 -21.51 -14.62
C ALA B 244 5.62 -22.55 -15.48
N ALA B 245 5.46 -22.25 -16.77
CA ALA B 245 4.82 -23.17 -17.71
C ALA B 245 5.58 -24.48 -17.71
N ARG B 246 6.90 -24.36 -17.61
CA ARG B 246 7.79 -25.52 -17.59
C ARG B 246 7.51 -26.39 -16.37
N ARG B 247 7.36 -25.78 -15.20
CA ARG B 247 7.09 -26.55 -14.01
C ARG B 247 5.67 -27.13 -14.03
N LEU B 248 4.72 -26.39 -14.59
CA LEU B 248 3.36 -26.89 -14.68
C LEU B 248 3.46 -28.20 -15.46
N GLY B 249 4.27 -28.18 -16.52
CA GLY B 249 4.46 -29.37 -17.33
C GLY B 249 5.09 -30.50 -16.52
N GLU B 250 6.11 -30.21 -15.72
CA GLU B 250 6.76 -31.24 -14.93
C GLU B 250 5.79 -31.91 -13.94
N VAL B 251 5.16 -31.13 -13.07
CA VAL B 251 4.25 -31.68 -12.06
C VAL B 251 3.02 -32.31 -12.68
N THR B 252 2.76 -31.97 -13.94
CA THR B 252 1.57 -32.49 -14.60
C THR B 252 1.86 -33.70 -15.50
N GLY B 253 3.11 -33.83 -15.90
CA GLY B 253 3.46 -34.94 -16.77
C GLY B 253 2.96 -34.66 -18.17
N ARG B 254 2.61 -33.41 -18.44
CA ARG B 254 2.13 -33.06 -19.77
C ARG B 254 2.81 -31.85 -20.36
N THR B 255 2.55 -31.62 -21.64
CA THR B 255 3.11 -30.48 -22.36
C THR B 255 2.37 -29.23 -21.93
N ALA B 256 3.11 -28.19 -21.57
CA ALA B 256 2.49 -26.93 -21.16
C ALA B 256 3.31 -25.81 -21.76
N SER B 257 2.69 -24.66 -21.94
CA SER B 257 3.39 -23.53 -22.52
C SER B 257 2.93 -22.22 -21.90
N THR B 258 3.49 -21.11 -22.39
CA THR B 258 3.12 -19.81 -21.88
C THR B 258 1.73 -19.54 -22.44
N VAL B 259 1.01 -18.64 -21.80
CA VAL B 259 -0.32 -18.31 -22.26
C VAL B 259 -0.22 -17.74 -23.68
N HIS B 260 0.92 -17.12 -23.99
CA HIS B 260 1.13 -16.51 -25.31
C HIS B 260 1.26 -17.57 -26.41
N ARG B 261 1.98 -18.66 -26.13
CA ARG B 261 2.12 -19.70 -27.15
C ARG B 261 0.85 -20.52 -27.27
N LEU B 262 0.09 -20.64 -26.19
CA LEU B 262 -1.13 -21.42 -26.25
C LEU B 262 -2.14 -20.72 -27.16
N LEU B 263 -2.20 -19.39 -27.08
CA LEU B 263 -3.11 -18.61 -27.90
C LEU B 263 -2.55 -18.45 -29.31
N GLY B 264 -1.29 -18.84 -29.51
CA GLY B 264 -0.67 -18.70 -30.82
C GLY B 264 -0.42 -17.24 -31.10
N TYR B 265 0.68 -16.72 -30.57
CA TYR B 265 1.03 -15.32 -30.75
C TYR B 265 1.54 -15.09 -32.17
N GLY B 266 0.98 -14.08 -32.83
CA GLY B 266 1.39 -13.77 -34.18
C GLY B 266 1.49 -12.27 -34.41
N PRO B 267 1.83 -11.85 -35.64
CA PRO B 267 1.94 -10.42 -35.94
C PRO B 267 0.59 -9.71 -35.92
N GLN B 268 -0.46 -10.45 -36.23
CA GLN B 268 -1.80 -9.88 -36.26
C GLN B 268 -2.44 -10.00 -34.89
N GLY B 269 -1.70 -10.55 -33.95
CA GLY B 269 -2.21 -10.72 -32.61
C GLY B 269 -2.35 -12.20 -32.32
N PHE B 270 -3.11 -12.53 -31.27
CA PHE B 270 -3.30 -13.93 -30.90
C PHE B 270 -4.10 -14.69 -31.93
N ARG B 271 -3.58 -15.83 -32.36
CA ARG B 271 -4.30 -16.65 -33.33
C ARG B 271 -5.68 -17.01 -32.78
N HIS B 272 -5.70 -17.59 -31.59
CA HIS B 272 -6.99 -17.99 -31.00
C HIS B 272 -7.75 -16.84 -30.37
N ASN B 273 -9.07 -16.86 -30.57
CA ASN B 273 -9.98 -15.84 -30.07
C ASN B 273 -11.38 -16.42 -30.24
N HIS B 274 -12.41 -15.56 -30.30
CA HIS B 274 -13.77 -16.08 -30.44
C HIS B 274 -14.04 -16.69 -31.80
N LEU B 275 -13.34 -16.21 -32.84
CA LEU B 275 -13.56 -16.75 -34.18
C LEU B 275 -12.87 -18.08 -34.37
N GLU B 276 -11.79 -18.31 -33.63
CA GLU B 276 -11.06 -19.58 -33.71
C GLU B 276 -10.57 -19.95 -32.31
N PRO B 277 -11.50 -20.41 -31.46
CA PRO B 277 -11.20 -20.80 -30.08
C PRO B 277 -9.99 -21.72 -29.96
N ALA B 278 -9.34 -21.67 -28.80
CA ALA B 278 -8.21 -22.55 -28.56
C ALA B 278 -8.85 -23.94 -28.48
N PRO B 279 -8.29 -24.93 -29.19
CA PRO B 279 -8.82 -26.30 -29.19
C PRO B 279 -8.70 -27.11 -27.90
N TYR B 280 -9.41 -26.69 -26.85
CA TYR B 280 -9.35 -27.39 -25.57
C TYR B 280 -10.69 -27.35 -24.86
N ASP B 281 -11.03 -28.46 -24.18
CA ASP B 281 -12.30 -28.55 -23.44
C ASP B 281 -12.08 -28.05 -22.01
N LEU B 282 -10.84 -28.22 -21.55
CA LEU B 282 -10.44 -27.78 -20.22
C LEU B 282 -9.17 -26.98 -20.35
N LEU B 283 -9.19 -25.78 -19.81
CA LEU B 283 -8.03 -24.91 -19.86
C LEU B 283 -7.48 -24.75 -18.45
N ILE B 284 -6.24 -25.15 -18.23
CA ILE B 284 -5.64 -25.02 -16.91
C ILE B 284 -4.56 -23.94 -16.97
N VAL B 285 -4.70 -22.93 -16.13
CA VAL B 285 -3.75 -21.83 -16.09
C VAL B 285 -3.24 -21.75 -14.67
N ASP B 286 -1.93 -21.76 -14.52
CA ASP B 286 -1.31 -21.70 -13.22
C ASP B 286 -0.59 -20.35 -13.07
N GLU B 287 -0.28 -19.96 -11.83
CA GLU B 287 0.42 -18.70 -11.59
C GLU B 287 -0.39 -17.52 -12.08
N VAL B 288 -1.71 -17.66 -12.04
CA VAL B 288 -2.63 -16.65 -12.52
C VAL B 288 -2.50 -15.25 -11.89
N SER B 289 -1.77 -15.12 -10.79
CA SER B 289 -1.63 -13.80 -10.18
C SER B 289 -0.70 -12.93 -11.02
N MET B 290 0.02 -13.56 -11.93
CA MET B 290 0.93 -12.82 -12.77
C MET B 290 0.27 -12.39 -14.07
N MET B 291 -1.02 -12.68 -14.20
CA MET B 291 -1.80 -12.34 -15.38
C MET B 291 -2.56 -11.03 -15.19
N GLY B 292 -2.41 -10.13 -16.15
CA GLY B 292 -3.11 -8.85 -16.07
C GLY B 292 -4.42 -8.91 -16.81
N ASP B 293 -5.21 -7.85 -16.74
CA ASP B 293 -6.49 -7.81 -17.43
C ASP B 293 -6.39 -8.22 -18.90
N ALA B 294 -5.51 -7.54 -19.62
CA ALA B 294 -5.33 -7.79 -21.05
C ALA B 294 -5.12 -9.25 -21.41
N LEU B 295 -4.15 -9.90 -20.76
CA LEU B 295 -3.91 -11.31 -21.09
C LEU B 295 -5.13 -12.13 -20.71
N MET B 296 -5.68 -11.88 -19.52
CA MET B 296 -6.84 -12.64 -19.07
C MET B 296 -7.96 -12.52 -20.11
N LEU B 297 -8.20 -11.30 -20.58
CA LEU B 297 -9.25 -11.08 -21.58
C LEU B 297 -8.94 -11.91 -22.82
N SER B 298 -7.67 -11.89 -23.24
CA SER B 298 -7.28 -12.65 -24.42
C SER B 298 -7.50 -14.16 -24.23
N LEU B 299 -7.10 -14.69 -23.08
CA LEU B 299 -7.25 -16.11 -22.82
C LEU B 299 -8.75 -16.50 -22.75
N LEU B 300 -9.52 -15.78 -21.96
CA LEU B 300 -10.95 -16.09 -21.83
C LEU B 300 -11.70 -16.00 -23.16
N ALA B 301 -11.45 -14.95 -23.93
CA ALA B 301 -12.12 -14.80 -25.22
C ALA B 301 -11.84 -15.98 -26.17
N ALA B 302 -10.76 -16.72 -25.93
CA ALA B 302 -10.41 -17.88 -26.76
C ALA B 302 -10.92 -19.20 -26.17
N VAL B 303 -11.71 -19.14 -25.12
CA VAL B 303 -12.23 -20.36 -24.52
C VAL B 303 -13.46 -20.83 -25.29
N PRO B 304 -13.40 -22.05 -25.84
CA PRO B 304 -14.53 -22.60 -26.60
C PRO B 304 -15.80 -22.58 -25.74
N PRO B 305 -16.93 -22.17 -26.34
CA PRO B 305 -18.15 -22.14 -25.53
C PRO B 305 -18.44 -23.51 -24.91
N GLY B 306 -18.88 -23.50 -23.66
CA GLY B 306 -19.17 -24.75 -22.98
C GLY B 306 -17.91 -25.36 -22.40
N ALA B 307 -16.75 -24.86 -22.80
CA ALA B 307 -15.49 -25.40 -22.27
C ALA B 307 -15.22 -24.90 -20.86
N ARG B 308 -14.36 -25.63 -20.16
CA ARG B 308 -14.01 -25.31 -18.78
C ARG B 308 -12.67 -24.59 -18.67
N VAL B 309 -12.53 -23.75 -17.65
CA VAL B 309 -11.31 -23.01 -17.39
C VAL B 309 -11.03 -23.08 -15.90
N LEU B 310 -9.85 -23.59 -15.56
CA LEU B 310 -9.44 -23.70 -14.17
C LEU B 310 -8.28 -22.75 -13.92
N LEU B 311 -8.51 -21.72 -13.11
CA LEU B 311 -7.47 -20.75 -12.78
C LEU B 311 -6.87 -21.06 -11.42
N VAL B 312 -5.55 -21.19 -11.37
CA VAL B 312 -4.92 -21.48 -10.10
C VAL B 312 -3.79 -20.47 -9.85
N GLY B 313 -3.74 -19.95 -8.61
CA GLY B 313 -2.73 -18.98 -8.25
C GLY B 313 -2.96 -18.36 -6.88
N ASP B 314 -2.01 -17.56 -6.44
CA ASP B 314 -2.10 -16.93 -5.12
C ASP B 314 -1.81 -15.43 -5.25
N THR B 315 -2.81 -14.60 -5.00
CA THR B 315 -2.63 -13.16 -5.11
C THR B 315 -1.62 -12.55 -4.13
N ASP B 316 -1.13 -13.33 -3.17
CA ASP B 316 -0.15 -12.82 -2.23
C ASP B 316 1.24 -12.90 -2.86
N GLN B 317 1.37 -13.61 -3.98
CA GLN B 317 2.66 -13.72 -4.62
C GLN B 317 2.80 -12.56 -5.62
N LEU B 318 3.60 -12.72 -6.68
CA LEU B 318 3.82 -11.61 -7.61
C LEU B 318 2.70 -11.11 -8.52
N PRO B 319 2.44 -9.80 -8.49
CA PRO B 319 1.40 -9.18 -9.32
C PRO B 319 1.88 -9.14 -10.77
N PRO B 320 0.96 -8.92 -11.72
CA PRO B 320 1.36 -8.88 -13.12
C PRO B 320 2.24 -7.67 -13.45
N VAL B 321 3.00 -7.76 -14.54
CA VAL B 321 3.83 -6.63 -14.94
C VAL B 321 2.89 -5.63 -15.60
N ASP B 322 1.88 -6.14 -16.32
CA ASP B 322 0.86 -5.32 -16.99
C ASP B 322 -0.15 -4.83 -15.95
N ALA B 323 -1.10 -4.01 -16.40
CA ALA B 323 -2.10 -3.44 -15.50
C ALA B 323 -3.24 -4.39 -15.14
N GLY B 324 -3.79 -4.19 -13.96
CA GLY B 324 -4.88 -5.02 -13.49
C GLY B 324 -4.41 -6.15 -12.58
N LEU B 325 -5.36 -6.94 -12.12
CA LEU B 325 -5.10 -8.08 -11.25
C LEU B 325 -6.44 -8.82 -11.15
N PRO B 326 -6.89 -9.39 -12.26
CA PRO B 326 -8.14 -10.14 -12.40
C PRO B 326 -8.37 -11.28 -11.41
N LEU B 327 -7.31 -11.97 -11.02
CA LEU B 327 -7.43 -13.08 -10.08
C LEU B 327 -8.05 -12.63 -8.77
N LEU B 328 -7.85 -11.38 -8.41
CA LEU B 328 -8.40 -10.85 -7.17
C LEU B 328 -9.92 -10.83 -7.26
N ALA B 329 -10.42 -10.35 -8.38
CA ALA B 329 -11.86 -10.27 -8.59
C ALA B 329 -12.41 -11.70 -8.70
N LEU B 330 -11.84 -12.48 -9.61
CA LEU B 330 -12.28 -13.86 -9.84
C LEU B 330 -12.35 -14.73 -8.58
N ALA B 331 -11.34 -14.62 -7.72
CA ALA B 331 -11.31 -15.40 -6.47
C ALA B 331 -12.49 -15.04 -5.56
N GLN B 332 -13.27 -14.05 -5.96
CA GLN B 332 -14.41 -13.64 -5.17
C GLN B 332 -15.72 -13.81 -5.90
N ALA B 333 -15.66 -13.85 -7.22
CA ALA B 333 -16.88 -13.98 -8.01
C ALA B 333 -17.12 -15.42 -8.47
N ALA B 334 -16.05 -16.16 -8.72
CA ALA B 334 -16.20 -17.53 -9.17
C ALA B 334 -16.06 -18.57 -8.06
N PRO B 335 -16.60 -19.77 -8.29
CA PRO B 335 -16.49 -20.82 -7.28
C PRO B 335 -14.99 -21.02 -7.07
N THR B 336 -14.53 -20.91 -5.83
CA THR B 336 -13.12 -21.09 -5.55
C THR B 336 -12.96 -22.06 -4.41
N ILE B 337 -11.88 -22.82 -4.44
CA ILE B 337 -11.61 -23.74 -3.36
C ILE B 337 -10.27 -23.19 -2.86
N LYS B 338 -10.08 -23.17 -1.55
CA LYS B 338 -8.87 -22.63 -0.98
C LYS B 338 -8.11 -23.70 -0.24
N LEU B 339 -6.89 -24.01 -0.69
CA LEU B 339 -6.08 -25.02 -0.03
C LEU B 339 -5.44 -24.35 1.18
N THR B 340 -5.33 -25.07 2.30
CA THR B 340 -4.79 -24.47 3.50
C THR B 340 -3.68 -25.23 4.20
N GLN B 341 -3.48 -26.49 3.84
CA GLN B 341 -2.43 -27.29 4.46
C GLN B 341 -1.12 -27.17 3.69
N VAL B 342 -0.06 -26.71 4.36
CA VAL B 342 1.24 -26.57 3.73
C VAL B 342 1.99 -27.88 3.67
N TYR B 343 2.49 -28.24 2.48
CA TYR B 343 3.25 -29.47 2.31
C TYR B 343 4.69 -29.16 1.92
N ARG B 344 4.91 -28.00 1.30
CA ARG B 344 6.25 -27.66 0.86
C ARG B 344 7.30 -27.85 1.94
N GLN B 345 7.20 -27.05 2.98
CA GLN B 345 8.14 -27.11 4.09
C GLN B 345 7.56 -28.00 5.18
N ALA B 346 8.44 -28.72 5.87
CA ALA B 346 8.00 -29.58 6.96
C ALA B 346 7.28 -28.73 8.00
N ALA B 347 6.25 -29.32 8.61
CA ALA B 347 5.47 -28.61 9.62
C ALA B 347 6.36 -27.92 10.64
N LYS B 348 6.06 -26.66 10.91
CA LYS B 348 6.79 -25.86 11.87
C LYS B 348 8.27 -25.57 11.54
N ASN B 349 8.55 -25.45 10.24
CA ASN B 349 9.89 -25.08 9.78
C ASN B 349 9.83 -23.53 9.92
N PRO B 350 10.91 -22.89 10.38
CA PRO B 350 10.89 -21.44 10.54
C PRO B 350 10.37 -20.69 9.31
N ILE B 351 10.67 -21.22 8.13
CA ILE B 351 10.26 -20.63 6.87
C ILE B 351 8.76 -20.34 6.84
N ILE B 352 7.97 -21.32 7.26
CA ILE B 352 6.53 -21.14 7.28
C ILE B 352 6.09 -19.98 8.15
N GLN B 353 6.70 -19.86 9.33
CA GLN B 353 6.34 -18.79 10.25
C GLN B 353 6.81 -17.44 9.70
N ALA B 354 8.05 -17.40 9.21
CA ALA B 354 8.58 -16.17 8.64
C ALA B 354 7.66 -15.70 7.50
N ALA B 355 7.19 -16.64 6.69
CA ALA B 355 6.31 -16.29 5.58
C ALA B 355 5.04 -15.64 6.12
N HIS B 356 4.51 -16.17 7.22
CA HIS B 356 3.33 -15.61 7.84
C HIS B 356 3.64 -14.23 8.39
N GLY B 357 4.90 -14.03 8.77
CA GLY B 357 5.33 -12.74 9.30
C GLY B 357 5.39 -11.68 8.21
N LEU B 358 5.88 -12.05 7.03
CA LEU B 358 5.97 -11.11 5.92
C LEU B 358 4.58 -10.57 5.56
N LEU B 359 3.56 -11.41 5.66
CA LEU B 359 2.21 -10.98 5.35
C LEU B 359 1.71 -9.91 6.31
N HIS B 360 2.42 -9.73 7.43
CA HIS B 360 2.04 -8.71 8.39
C HIS B 360 3.12 -7.63 8.57
N GLY B 361 3.90 -7.39 7.53
CA GLY B 361 4.94 -6.38 7.57
C GLY B 361 6.10 -6.61 8.53
N GLU B 362 6.29 -7.85 8.97
CA GLU B 362 7.38 -8.16 9.91
C GLU B 362 8.47 -9.02 9.24
N ALA B 363 9.72 -8.57 9.33
CA ALA B 363 10.84 -9.30 8.72
C ALA B 363 11.11 -10.63 9.41
N PRO B 364 11.85 -11.55 8.76
CA PRO B 364 12.13 -12.83 9.37
C PRO B 364 13.12 -12.74 10.53
N ALA B 365 12.93 -13.63 11.50
CA ALA B 365 13.81 -13.66 12.65
C ALA B 365 14.91 -14.66 12.27
N TRP B 366 15.97 -14.14 11.65
CA TRP B 366 17.09 -14.97 11.21
C TRP B 366 17.88 -15.56 12.37
N GLY B 367 18.62 -16.62 12.09
CA GLY B 367 19.42 -17.27 13.11
C GLY B 367 19.43 -18.78 13.01
N ASP B 368 18.29 -19.34 12.65
CA ASP B 368 18.13 -20.77 12.52
C ASP B 368 19.00 -21.33 11.39
N LYS B 369 19.34 -22.61 11.50
CA LYS B 369 20.16 -23.28 10.50
C LYS B 369 19.39 -23.38 9.18
N ARG B 370 18.07 -23.22 9.27
CA ARG B 370 17.19 -23.30 8.11
C ARG B 370 16.70 -21.92 7.67
N LEU B 371 16.90 -20.92 8.51
CA LEU B 371 16.47 -19.56 8.19
C LEU B 371 17.52 -18.57 8.65
N ASN B 372 18.52 -18.34 7.81
CA ASN B 372 19.59 -17.43 8.18
C ASN B 372 19.95 -16.44 7.09
N LEU B 373 20.59 -15.36 7.52
CA LEU B 373 21.01 -14.31 6.62
C LEU B 373 22.45 -13.89 6.96
N THR B 374 23.26 -13.67 5.95
CA THR B 374 24.63 -13.23 6.16
C THR B 374 24.80 -11.90 5.42
N GLU B 375 25.18 -10.88 6.19
CA GLU B 375 25.36 -9.53 5.66
C GLU B 375 26.45 -9.45 4.59
N ILE B 376 26.16 -8.68 3.53
CA ILE B 376 27.10 -8.48 2.44
C ILE B 376 26.80 -7.15 1.75
N GLU B 377 27.83 -6.60 1.12
CA GLU B 377 27.71 -5.33 0.42
C GLU B 377 27.79 -5.59 -1.08
N PRO B 378 27.28 -4.66 -1.90
CA PRO B 378 27.34 -4.86 -3.35
C PRO B 378 28.77 -5.01 -3.85
N ASP B 379 29.71 -4.37 -3.18
CA ASP B 379 31.12 -4.47 -3.56
C ASP B 379 31.69 -5.81 -3.13
N GLY B 380 32.03 -6.64 -4.10
CA GLY B 380 32.54 -7.96 -3.81
C GLY B 380 31.44 -8.84 -3.26
N GLY B 381 30.19 -8.45 -3.50
CA GLY B 381 29.06 -9.20 -3.01
C GLY B 381 28.81 -10.50 -3.74
N ALA B 382 28.75 -10.44 -5.07
CA ALA B 382 28.51 -11.64 -5.86
C ALA B 382 29.54 -12.73 -5.54
N ARG B 383 30.81 -12.34 -5.44
CA ARG B 383 31.87 -13.29 -5.13
C ARG B 383 31.51 -14.04 -3.85
N ARG B 384 31.10 -13.29 -2.83
CA ARG B 384 30.72 -13.87 -1.57
C ARG B 384 29.57 -14.85 -1.75
N VAL B 385 28.50 -14.39 -2.41
CA VAL B 385 27.35 -15.24 -2.64
C VAL B 385 27.79 -16.57 -3.24
N ALA B 386 28.70 -16.52 -4.21
CA ALA B 386 29.23 -17.71 -4.86
C ALA B 386 29.96 -18.63 -3.88
N LEU B 387 30.70 -18.05 -2.94
CA LEU B 387 31.42 -18.85 -1.96
C LEU B 387 30.43 -19.47 -0.98
N MET B 388 29.34 -18.75 -0.71
CA MET B 388 28.30 -19.28 0.17
C MET B 388 27.69 -20.51 -0.49
N VAL B 389 27.52 -20.44 -1.81
CA VAL B 389 26.94 -21.52 -2.57
C VAL B 389 27.85 -22.74 -2.47
N ARG B 390 29.14 -22.55 -2.73
CA ARG B 390 30.09 -23.66 -2.64
C ARG B 390 29.96 -24.32 -1.28
N GLU B 391 29.94 -23.48 -0.25
CA GLU B 391 29.81 -23.95 1.13
C GLU B 391 28.50 -24.70 1.34
N LEU B 392 27.60 -24.66 0.37
CA LEU B 392 26.31 -25.34 0.49
C LEU B 392 26.14 -26.51 -0.48
N GLY B 393 27.24 -26.93 -1.11
CA GLY B 393 27.14 -28.04 -2.03
C GLY B 393 27.22 -27.68 -3.50
N GLY B 394 27.36 -26.38 -3.81
CA GLY B 394 27.46 -25.98 -5.19
C GLY B 394 26.12 -25.61 -5.80
N PRO B 395 26.13 -25.09 -7.05
CA PRO B 395 24.98 -24.67 -7.84
C PRO B 395 23.84 -25.68 -7.90
N GLY B 396 24.19 -26.96 -7.81
CA GLY B 396 23.17 -27.98 -7.87
C GLY B 396 22.49 -28.29 -6.55
N ALA B 397 22.98 -27.73 -5.45
CA ALA B 397 22.40 -28.01 -4.14
C ALA B 397 21.71 -26.78 -3.55
N VAL B 398 21.74 -25.69 -4.30
CA VAL B 398 21.13 -24.45 -3.83
C VAL B 398 20.79 -23.54 -4.99
N GLN B 399 19.58 -22.99 -4.96
CA GLN B 399 19.16 -22.09 -6.01
C GLN B 399 19.38 -20.65 -5.57
N VAL B 400 20.01 -19.85 -6.43
CA VAL B 400 20.26 -18.45 -6.12
C VAL B 400 19.19 -17.60 -6.77
N LEU B 401 18.58 -16.72 -5.98
CA LEU B 401 17.54 -15.82 -6.48
C LEU B 401 17.90 -14.36 -6.22
N THR B 402 17.58 -13.52 -7.19
CA THR B 402 17.85 -12.10 -7.04
C THR B 402 16.64 -11.38 -7.62
N PRO B 403 16.32 -10.19 -7.10
CA PRO B 403 15.16 -9.44 -7.60
C PRO B 403 15.35 -8.80 -8.97
N MET B 404 16.59 -8.43 -9.31
CA MET B 404 16.89 -7.75 -10.57
C MET B 404 17.95 -8.45 -11.43
N ARG B 405 18.02 -8.07 -12.70
CA ARG B 405 18.99 -8.65 -13.62
C ARG B 405 20.32 -7.89 -13.62
N LYS B 406 20.27 -6.56 -13.60
CA LYS B 406 21.47 -5.74 -13.64
C LYS B 406 21.93 -5.30 -12.24
N GLY B 407 23.13 -4.73 -12.17
CA GLY B 407 23.65 -4.27 -10.89
C GLY B 407 24.61 -5.25 -10.26
N PRO B 408 25.41 -4.81 -9.27
CA PRO B 408 26.40 -5.66 -8.58
C PRO B 408 25.76 -6.90 -7.97
N LEU B 409 24.48 -6.78 -7.60
CA LEU B 409 23.77 -7.89 -7.01
C LEU B 409 22.65 -8.39 -7.92
N GLY B 410 22.84 -8.20 -9.22
CA GLY B 410 21.85 -8.65 -10.18
C GLY B 410 22.14 -10.04 -10.72
N MET B 411 21.16 -10.62 -11.41
CA MET B 411 21.31 -11.95 -11.96
C MET B 411 22.50 -12.12 -12.92
N ASP B 412 22.78 -11.09 -13.73
CA ASP B 412 23.87 -11.17 -14.69
C ASP B 412 25.24 -11.28 -14.03
N HIS B 413 25.44 -10.49 -12.98
CA HIS B 413 26.73 -10.51 -12.28
C HIS B 413 26.84 -11.72 -11.35
N LEU B 414 25.72 -12.17 -10.80
CA LEU B 414 25.76 -13.33 -9.91
C LEU B 414 26.15 -14.54 -10.75
N ASN B 415 25.61 -14.59 -11.96
CA ASN B 415 25.90 -15.69 -12.87
C ASN B 415 27.39 -15.73 -13.19
N TYR B 416 27.95 -14.57 -13.53
CA TYR B 416 29.36 -14.48 -13.83
C TYR B 416 30.22 -15.11 -12.73
N HIS B 417 30.05 -14.61 -11.50
CA HIS B 417 30.82 -15.12 -10.36
C HIS B 417 30.54 -16.58 -10.07
N LEU B 418 29.29 -17.00 -10.29
CA LEU B 418 28.94 -18.38 -10.07
C LEU B 418 29.65 -19.22 -11.13
N GLN B 419 29.66 -18.73 -12.36
CA GLN B 419 30.32 -19.46 -13.43
C GLN B 419 31.83 -19.51 -13.17
N ALA B 420 32.40 -18.35 -12.84
CA ALA B 420 33.83 -18.25 -12.60
C ALA B 420 34.30 -19.12 -11.45
N LEU B 421 33.43 -19.32 -10.47
CA LEU B 421 33.80 -20.12 -9.31
C LEU B 421 33.63 -21.62 -9.50
N PHE B 422 32.55 -22.05 -10.16
CA PHE B 422 32.33 -23.49 -10.31
C PHE B 422 32.70 -24.07 -11.67
N ASN B 423 32.91 -23.21 -12.66
CA ASN B 423 33.29 -23.69 -13.98
C ASN B 423 34.29 -22.71 -14.59
N PRO B 424 35.40 -22.47 -13.89
CA PRO B 424 36.42 -21.55 -14.37
C PRO B 424 36.94 -22.00 -15.72
N GLY B 425 37.29 -21.05 -16.60
CA GLY B 425 38.07 -21.40 -17.79
C GLY B 425 37.96 -20.78 -19.19
N GLU B 426 38.06 -21.69 -20.15
CA GLU B 426 38.32 -21.53 -21.58
C GLU B 426 37.44 -20.72 -22.53
N GLY B 427 37.30 -19.42 -22.30
CA GLY B 427 36.48 -18.60 -23.20
C GLY B 427 35.65 -19.36 -24.22
N GLY B 428 34.40 -19.67 -23.88
CA GLY B 428 33.52 -20.41 -24.77
C GLY B 428 32.72 -19.56 -25.73
N VAL B 429 31.54 -20.03 -26.10
CA VAL B 429 30.67 -19.32 -27.04
C VAL B 429 29.87 -18.20 -26.35
N ARG B 430 29.93 -17.00 -26.92
CA ARG B 430 29.20 -15.87 -26.38
C ARG B 430 27.70 -16.04 -26.55
N ILE B 431 26.94 -15.71 -25.52
CA ILE B 431 25.50 -15.80 -25.57
C ILE B 431 24.90 -14.47 -25.13
N ALA B 432 23.68 -14.49 -24.61
CA ALA B 432 23.00 -13.28 -24.15
C ALA B 432 23.95 -12.37 -23.37
N GLU B 433 24.36 -12.83 -22.20
CA GLU B 433 25.28 -12.08 -21.36
C GLU B 433 26.40 -13.05 -21.02
N GLY B 434 27.63 -12.62 -21.21
CA GLY B 434 28.74 -13.51 -20.92
C GLY B 434 28.85 -14.58 -21.99
N GLU B 435 29.53 -15.67 -21.65
CA GLU B 435 29.73 -16.77 -22.59
C GLU B 435 29.30 -18.10 -21.96
N ALA B 436 29.27 -19.15 -22.76
CA ALA B 436 28.91 -20.45 -22.26
C ALA B 436 30.08 -21.38 -22.51
N ARG B 437 30.35 -22.26 -21.55
CA ARG B 437 31.43 -23.22 -21.64
C ARG B 437 30.85 -24.57 -21.25
N PRO B 438 31.41 -25.67 -21.79
CA PRO B 438 30.87 -26.98 -21.42
C PRO B 438 30.77 -27.14 -19.90
N GLY B 439 29.65 -27.71 -19.45
CA GLY B 439 29.44 -27.90 -18.03
C GLY B 439 28.50 -26.85 -17.46
N ASP B 440 28.41 -25.69 -18.11
CA ASP B 440 27.53 -24.62 -17.65
C ASP B 440 26.07 -25.06 -17.73
N THR B 441 25.25 -24.52 -16.82
CA THR B 441 23.83 -24.80 -16.84
C THR B 441 23.26 -23.61 -17.61
N VAL B 442 22.41 -23.91 -18.58
CA VAL B 442 21.82 -22.88 -19.43
C VAL B 442 20.30 -22.83 -19.38
N VAL B 443 19.75 -21.64 -19.61
CA VAL B 443 18.30 -21.45 -19.61
C VAL B 443 17.84 -20.86 -20.92
N GLN B 444 16.88 -21.49 -21.56
CA GLN B 444 16.36 -20.98 -22.81
C GLN B 444 15.51 -19.77 -22.42
N THR B 445 15.74 -18.63 -23.04
CA THR B 445 14.98 -17.44 -22.68
C THR B 445 14.08 -16.94 -23.79
N LYS B 446 14.27 -17.47 -24.99
CA LYS B 446 13.46 -17.07 -26.13
C LYS B 446 13.00 -18.33 -26.85
N ASN B 447 11.82 -18.29 -27.48
CA ASN B 447 11.32 -19.47 -28.17
C ASN B 447 12.08 -19.80 -29.45
N ASP B 448 12.44 -21.07 -29.59
CA ASP B 448 13.14 -21.56 -30.76
C ASP B 448 12.28 -22.67 -31.37
N TYR B 449 11.53 -22.33 -32.40
CA TYR B 449 10.66 -23.29 -33.04
C TYR B 449 11.40 -24.33 -33.90
N ASN B 450 12.54 -23.96 -34.45
CA ASN B 450 13.31 -24.90 -35.26
C ASN B 450 13.63 -26.17 -34.45
N ASN B 451 14.35 -26.01 -33.36
CA ASN B 451 14.72 -27.14 -32.50
C ASN B 451 13.66 -27.47 -31.48
N GLU B 452 12.69 -26.57 -31.32
CA GLU B 452 11.60 -26.76 -30.36
C GLU B 452 12.03 -26.72 -28.90
N ILE B 453 12.78 -25.69 -28.55
CA ILE B 453 13.25 -25.47 -27.19
C ILE B 453 12.54 -24.18 -26.80
N PHE B 454 11.65 -24.26 -25.82
CA PHE B 454 10.93 -23.06 -25.45
C PHE B 454 11.35 -22.41 -24.15
N ASN B 455 11.06 -21.11 -24.08
CA ASN B 455 11.36 -20.27 -22.95
C ASN B 455 11.15 -20.99 -21.62
N GLY B 456 12.19 -21.06 -20.80
CA GLY B 456 12.07 -21.69 -19.50
C GLY B 456 12.66 -23.09 -19.37
N THR B 457 13.25 -23.60 -20.44
CA THR B 457 13.85 -24.93 -20.41
C THR B 457 15.32 -24.92 -19.99
N LEU B 458 15.67 -25.75 -19.01
CA LEU B 458 17.03 -25.83 -18.54
C LEU B 458 17.85 -26.77 -19.44
N GLY B 459 19.10 -26.41 -19.64
CA GLY B 459 19.97 -27.22 -20.48
C GLY B 459 21.36 -27.34 -19.90
N MET B 460 22.12 -28.26 -20.45
CA MET B 460 23.48 -28.49 -19.99
C MET B 460 24.39 -28.41 -21.22
N VAL B 461 25.37 -27.52 -21.17
CA VAL B 461 26.28 -27.35 -22.29
C VAL B 461 27.18 -28.57 -22.43
N LEU B 462 27.03 -29.28 -23.53
CA LEU B 462 27.85 -30.47 -23.76
C LEU B 462 29.24 -30.06 -24.23
N LYS B 463 29.29 -29.13 -25.18
CA LYS B 463 30.58 -28.64 -25.68
C LYS B 463 30.45 -27.30 -26.39
N ALA B 464 31.52 -26.52 -26.32
CA ALA B 464 31.57 -25.20 -26.96
C ALA B 464 32.80 -25.19 -27.85
N GLU B 465 32.59 -25.26 -29.17
CA GLU B 465 33.69 -25.27 -30.12
C GLU B 465 33.57 -24.11 -31.11
N GLY B 466 34.41 -23.11 -30.96
CA GLY B 466 34.37 -21.97 -31.85
C GLY B 466 33.14 -21.11 -31.64
N ALA B 467 32.16 -21.27 -32.50
CA ALA B 467 30.90 -20.53 -32.40
C ALA B 467 29.76 -21.52 -32.53
N ARG B 468 30.04 -22.75 -32.10
CA ARG B 468 29.07 -23.83 -32.15
C ARG B 468 28.88 -24.35 -30.73
N LEU B 469 27.81 -23.91 -30.09
CA LEU B 469 27.52 -24.32 -28.73
C LEU B 469 26.47 -25.42 -28.76
N THR B 470 26.88 -26.66 -28.52
CA THR B 470 25.92 -27.76 -28.52
C THR B 470 25.46 -28.01 -27.08
N VAL B 471 24.16 -27.91 -26.88
CA VAL B 471 23.56 -28.06 -25.55
C VAL B 471 22.55 -29.20 -25.44
N ASP B 472 22.42 -29.71 -24.22
CA ASP B 472 21.48 -30.78 -23.92
C ASP B 472 20.31 -30.22 -23.11
N PHE B 473 19.18 -30.02 -23.77
CA PHE B 473 17.98 -29.50 -23.13
C PHE B 473 17.06 -30.67 -22.77
N ASP B 474 17.22 -31.22 -21.58
CA ASP B 474 16.39 -32.34 -21.16
C ASP B 474 16.33 -33.47 -22.20
N GLY B 475 17.49 -34.01 -22.56
CA GLY B 475 17.52 -35.10 -23.51
C GLY B 475 17.56 -34.68 -24.96
N ASN B 476 17.05 -33.50 -25.25
CA ASN B 476 17.04 -32.99 -26.61
C ASN B 476 18.37 -32.29 -26.91
N VAL B 477 19.39 -33.07 -27.26
CA VAL B 477 20.71 -32.53 -27.58
C VAL B 477 20.60 -31.71 -28.84
N VAL B 478 21.25 -30.55 -28.88
CA VAL B 478 21.15 -29.70 -30.05
C VAL B 478 22.35 -28.77 -30.23
N GLU B 479 22.59 -28.35 -31.47
CA GLU B 479 23.70 -27.46 -31.78
C GLU B 479 23.17 -26.08 -32.12
N LEU B 480 23.75 -25.07 -31.48
CA LEU B 480 23.33 -23.69 -31.68
C LEU B 480 24.45 -22.85 -32.26
N THR B 481 24.09 -21.95 -33.17
CA THR B 481 25.06 -21.09 -33.81
C THR B 481 24.38 -19.80 -34.21
N GLY B 482 25.13 -18.71 -34.17
CA GLY B 482 24.60 -17.42 -34.57
C GLY B 482 23.51 -16.81 -33.72
N ALA B 483 22.45 -16.37 -34.39
CA ALA B 483 21.32 -15.74 -33.73
C ALA B 483 20.70 -16.56 -32.60
N GLU B 484 20.53 -17.87 -32.82
CA GLU B 484 19.92 -18.67 -31.78
C GLU B 484 20.74 -18.71 -30.50
N LEU B 485 21.97 -18.19 -30.56
CA LEU B 485 22.84 -18.15 -29.39
C LEU B 485 22.35 -17.09 -28.39
N PHE B 486 21.49 -16.19 -28.83
CA PHE B 486 20.97 -15.14 -27.95
C PHE B 486 19.63 -15.53 -27.35
N ASN B 487 19.31 -16.81 -27.41
CA ASN B 487 18.06 -17.32 -26.85
C ASN B 487 18.29 -17.93 -25.48
N LEU B 488 19.50 -17.84 -24.95
CA LEU B 488 19.79 -18.43 -23.65
C LEU B 488 20.80 -17.69 -22.78
N GLN B 489 20.66 -17.87 -21.47
CA GLN B 489 21.54 -17.24 -20.51
C GLN B 489 22.06 -18.28 -19.54
N LEU B 490 23.07 -17.93 -18.76
CA LEU B 490 23.59 -18.88 -17.78
C LEU B 490 22.43 -19.10 -16.80
N GLY B 491 22.36 -20.30 -16.22
CA GLY B 491 21.26 -20.58 -15.30
C GLY B 491 21.63 -20.86 -13.86
N TYR B 492 22.67 -20.22 -13.35
CA TYR B 492 23.08 -20.42 -11.96
C TYR B 492 22.24 -19.54 -11.03
N ALA B 493 21.91 -18.34 -11.51
CA ALA B 493 21.12 -17.38 -10.76
C ALA B 493 19.81 -17.14 -11.51
N LEU B 494 18.77 -16.79 -10.78
CA LEU B 494 17.48 -16.58 -11.40
C LEU B 494 16.78 -15.45 -10.69
N THR B 495 15.90 -14.75 -11.40
CA THR B 495 15.14 -13.65 -10.81
C THR B 495 13.94 -14.24 -10.09
N VAL B 496 13.45 -13.54 -9.06
CA VAL B 496 12.30 -14.02 -8.32
C VAL B 496 11.09 -14.18 -9.22
N HIS B 497 10.88 -13.25 -10.14
CA HIS B 497 9.74 -13.32 -11.06
C HIS B 497 9.67 -14.64 -11.86
N ARG B 498 10.80 -15.16 -12.32
CA ARG B 498 10.78 -16.39 -13.07
C ARG B 498 10.96 -17.59 -12.18
N ALA B 499 11.08 -17.33 -10.88
CA ALA B 499 11.23 -18.39 -9.90
C ALA B 499 9.84 -18.82 -9.42
N GLN B 500 8.89 -17.90 -9.50
CA GLN B 500 7.53 -18.21 -9.06
C GLN B 500 7.04 -19.44 -9.81
N GLY B 501 6.64 -20.47 -9.05
CA GLY B 501 6.16 -21.69 -9.64
C GLY B 501 7.13 -22.84 -9.44
N SER B 502 8.35 -22.49 -9.07
CA SER B 502 9.38 -23.50 -8.82
C SER B 502 9.69 -23.58 -7.33
N GLU B 503 10.37 -24.64 -6.96
CA GLU B 503 10.77 -24.86 -5.57
C GLU B 503 12.08 -25.59 -5.59
N TRP B 504 12.83 -25.44 -4.52
CA TRP B 504 14.13 -26.11 -4.40
C TRP B 504 14.30 -26.44 -2.92
N GLY B 505 15.17 -27.40 -2.64
CA GLY B 505 15.41 -27.79 -1.26
C GLY B 505 15.95 -26.61 -0.45
N THR B 506 17.03 -26.02 -0.93
CA THR B 506 17.59 -24.87 -0.24
C THR B 506 17.75 -23.73 -1.24
N VAL B 507 17.29 -22.56 -0.82
CA VAL B 507 17.33 -21.37 -1.65
C VAL B 507 18.20 -20.31 -1.02
N LEU B 508 18.90 -19.55 -1.84
CA LEU B 508 19.75 -18.48 -1.35
C LEU B 508 19.27 -17.23 -2.08
N GLY B 509 18.51 -16.39 -1.39
CA GLY B 509 18.01 -15.19 -2.00
C GLY B 509 18.84 -13.97 -1.67
N VAL B 510 19.36 -13.30 -2.70
CA VAL B 510 20.15 -12.10 -2.47
C VAL B 510 19.22 -10.89 -2.43
N LEU B 511 19.09 -10.27 -1.26
CA LEU B 511 18.22 -9.10 -1.10
C LEU B 511 19.02 -8.01 -0.38
N HIS B 512 19.06 -6.82 -0.99
CA HIS B 512 19.81 -5.71 -0.41
C HIS B 512 19.31 -4.36 -0.93
N GLU B 513 19.66 -3.29 -0.23
CA GLU B 513 19.24 -1.94 -0.62
C GLU B 513 19.56 -1.61 -2.08
N ALA B 514 20.50 -2.34 -2.68
CA ALA B 514 20.83 -2.10 -4.08
C ALA B 514 19.65 -2.56 -4.95
N HIS B 515 18.67 -3.20 -4.33
CA HIS B 515 17.47 -3.68 -5.04
C HIS B 515 16.26 -2.80 -4.73
N MET B 516 16.47 -1.66 -4.08
CA MET B 516 15.40 -0.73 -3.69
C MET B 516 14.08 -0.71 -4.47
N PRO B 517 14.16 -0.51 -5.79
CA PRO B 517 12.91 -0.47 -6.54
C PRO B 517 12.08 -1.75 -6.52
N MET B 518 12.73 -2.88 -6.22
CA MET B 518 12.07 -4.18 -6.20
C MET B 518 11.79 -4.70 -4.80
N LEU B 519 11.96 -3.86 -3.78
CA LEU B 519 11.72 -4.34 -2.43
C LEU B 519 10.26 -4.26 -2.01
N SER B 520 9.46 -5.21 -2.46
CA SER B 520 8.05 -5.23 -2.10
C SER B 520 7.74 -6.49 -1.31
N ARG B 521 6.66 -6.46 -0.55
CA ARG B 521 6.27 -7.58 0.28
C ARG B 521 6.05 -8.86 -0.50
N ASN B 522 5.26 -8.80 -1.56
CA ASN B 522 4.99 -10.00 -2.36
C ASN B 522 6.26 -10.62 -2.95
N LEU B 523 7.17 -9.77 -3.39
CA LEU B 523 8.43 -10.24 -3.96
C LEU B 523 9.15 -11.13 -2.94
N VAL B 524 9.40 -10.61 -1.73
CA VAL B 524 10.12 -11.40 -0.73
C VAL B 524 9.33 -12.59 -0.21
N TYR B 525 8.02 -12.47 -0.15
CA TYR B 525 7.17 -13.55 0.32
C TYR B 525 7.32 -14.69 -0.68
N THR B 526 7.38 -14.32 -1.96
CA THR B 526 7.52 -15.26 -3.07
C THR B 526 8.91 -15.88 -3.05
N ALA B 527 9.94 -15.07 -2.83
CA ALA B 527 11.30 -15.60 -2.80
C ALA B 527 11.47 -16.58 -1.62
N LEU B 528 11.06 -16.14 -0.43
CA LEU B 528 11.17 -16.97 0.77
C LEU B 528 10.46 -18.32 0.67
N THR B 529 9.26 -18.32 0.10
CA THR B 529 8.49 -19.55 -0.03
C THR B 529 8.88 -20.50 -1.18
N ARG B 530 9.97 -20.20 -1.88
CA ARG B 530 10.42 -21.10 -2.95
C ARG B 530 11.19 -22.27 -2.31
N ALA B 531 11.53 -22.10 -1.03
CA ALA B 531 12.31 -23.09 -0.31
C ALA B 531 11.55 -24.20 0.37
N ARG B 532 12.04 -25.41 0.21
CA ARG B 532 11.43 -26.60 0.83
C ARG B 532 12.03 -26.87 2.19
N ASP B 533 13.35 -26.80 2.30
CA ASP B 533 14.03 -27.08 3.55
C ASP B 533 14.73 -25.91 4.22
N ARG B 534 15.62 -25.26 3.48
CA ARG B 534 16.37 -24.13 4.01
C ARG B 534 16.37 -22.91 3.11
N PHE B 535 16.27 -21.74 3.73
CA PHE B 535 16.32 -20.52 2.95
C PHE B 535 17.36 -19.59 3.54
N PHE B 536 18.49 -19.44 2.86
CA PHE B 536 19.54 -18.55 3.32
C PHE B 536 19.46 -17.26 2.53
N SER B 537 19.71 -16.15 3.20
CA SER B 537 19.65 -14.87 2.52
C SER B 537 21.01 -14.19 2.57
N ALA B 538 21.32 -13.44 1.52
CA ALA B 538 22.58 -12.72 1.44
C ALA B 538 22.26 -11.29 1.05
N GLY B 539 22.62 -10.36 1.94
CA GLY B 539 22.37 -8.96 1.68
C GLY B 539 22.34 -8.22 3.00
N SER B 540 21.18 -7.69 3.35
CA SER B 540 21.06 -6.98 4.61
C SER B 540 19.72 -7.33 5.22
N ALA B 541 19.65 -7.28 6.54
CA ALA B 541 18.42 -7.57 7.26
C ALA B 541 17.47 -6.39 7.08
N SER B 542 18.05 -5.20 6.90
CA SER B 542 17.24 -4.01 6.73
C SER B 542 16.45 -4.08 5.42
N ALA B 543 17.09 -4.64 4.39
CA ALA B 543 16.42 -4.76 3.10
C ALA B 543 15.09 -5.51 3.30
N TRP B 544 15.12 -6.57 4.10
CA TRP B 544 13.91 -7.34 4.37
C TRP B 544 12.88 -6.53 5.14
N GLN B 545 13.33 -5.79 6.16
CA GLN B 545 12.43 -4.94 6.94
C GLN B 545 11.71 -4.01 5.96
N ILE B 546 12.49 -3.37 5.09
CA ILE B 546 11.97 -2.45 4.09
C ILE B 546 10.94 -3.15 3.20
N ALA B 547 11.34 -4.31 2.66
CA ALA B 547 10.49 -5.08 1.79
C ALA B 547 9.17 -5.50 2.45
N ALA B 548 9.26 -6.04 3.66
CA ALA B 548 8.07 -6.47 4.38
C ALA B 548 7.09 -5.33 4.64
N ALA B 549 7.61 -4.16 4.99
CA ALA B 549 6.77 -3.01 5.27
C ALA B 549 6.15 -2.41 4.02
N ARG B 550 6.75 -2.64 2.86
CA ARG B 550 6.22 -2.06 1.64
C ARG B 550 5.30 -2.95 0.83
N GLN B 551 4.01 -2.67 0.90
CA GLN B 551 3.03 -3.43 0.13
C GLN B 551 2.67 -2.50 -1.02
N ARG B 552 2.92 -2.94 -2.25
CA ARG B 552 2.62 -2.11 -3.40
C ARG B 552 1.14 -1.72 -3.30
N GLU B 553 0.82 -0.50 -3.70
CA GLU B 553 -0.54 -0.01 -3.59
C GLU B 553 -1.53 -0.80 -4.40
N ALA B 554 -2.74 -0.92 -3.86
CA ALA B 554 -3.81 -1.64 -4.53
C ALA B 554 -4.01 -1.06 -5.92
N ARG B 555 -4.37 -1.92 -6.86
CA ARG B 555 -4.57 -1.48 -8.23
C ARG B 555 -6.01 -1.10 -8.49
N ASN B 556 -6.22 0.11 -9.01
CA ASN B 556 -7.56 0.56 -9.32
C ASN B 556 -8.16 -0.39 -10.36
N THR B 557 -9.24 -1.04 -9.98
CA THR B 557 -9.93 -1.99 -10.85
C THR B 557 -11.40 -2.03 -10.53
N ALA B 558 -12.23 -2.03 -11.57
CA ALA B 558 -13.68 -2.11 -11.39
C ALA B 558 -14.22 -3.43 -11.94
N LEU B 559 -13.31 -4.37 -12.18
CA LEU B 559 -13.67 -5.69 -12.71
C LEU B 559 -14.68 -6.42 -11.83
N LEU B 560 -14.39 -6.50 -10.53
CA LEU B 560 -15.28 -7.16 -9.59
C LEU B 560 -16.66 -6.50 -9.61
N GLU B 561 -16.69 -5.18 -9.58
CA GLU B 561 -17.94 -4.43 -9.60
C GLU B 561 -18.75 -4.74 -10.84
N ARG B 562 -18.10 -4.77 -12.00
CA ARG B 562 -18.78 -5.07 -13.25
C ARG B 562 -19.30 -6.51 -13.30
N ILE B 563 -18.53 -7.45 -12.75
CA ILE B 563 -18.97 -8.85 -12.74
C ILE B 563 -20.25 -9.01 -11.90
N ARG B 564 -20.23 -8.40 -10.73
CA ARG B 564 -21.36 -8.48 -9.81
C ARG B 564 -22.57 -7.62 -10.16
N ALA B 565 -22.34 -6.38 -10.54
CA ALA B 565 -23.43 -5.49 -10.90
C ALA B 565 -24.15 -6.05 -12.12
#